data_5ETX
#
_entry.id   5ETX
#
_cell.length_a   65.441
_cell.length_b   63.232
_cell.length_c   92.304
_cell.angle_alpha   90.000
_cell.angle_beta   91.650
_cell.angle_gamma   90.000
#
_symmetry.space_group_name_H-M   'P 1 21 1'
#
loop_
_entity.id
_entity.type
_entity.pdbx_description
1 polymer 'NS3 protease'
2 non-polymer 'ZINC ION'
3 non-polymer '~{tert}-butyl ~{N}-[(2~{S})-1-[(2~{S},4~{R})-2-[[(1~{R},2~{R})-1-(cyclopropylsulfonylcarbamoyl)-2-ethyl-cyclopropyl]carbamoyl]-4-(3-ethyl-7-methoxy-quinoxalin-2-yl)oxy-pyrrolidin-1-yl]-3,3-dimethyl-1-oxidanylidene-butan-2-yl]carbamate'
4 non-polymer 'CHLORIDE ION'
5 water water
#
_entity_poly.entity_id   1
_entity_poly.type   'polypeptide(L)'
_entity_poly.pdbx_seq_one_letter_code
;KKKGSVVIVGRINLSGDTAYAQQTRGEEGCQETSQTGRDKNQVEGEVQIVSTATQTFLATSINGVLWTVYHGAGTRTIAS
PKGPVTQMYTNVDKDLVGWQAPQGSRSLTPCTCGSSDLYLVTRHADVIPVRRRGDSRGSLLSPRPISYLKGSSGGPLLCP
AGHAVGIFRTAVSTRGVAKAVDFIPVESLETTMR
;
_entity_poly.pdbx_strand_id   A,B,C,D
#
loop_
_chem_comp.id
_chem_comp.type
_chem_comp.name
_chem_comp.formula
5RS non-polymer '~{tert}-butyl ~{N}-[(2~{S})-1-[(2~{S},4~{R})-2-[[(1~{R},2~{R})-1-(cyclopropylsulfonylcarbamoyl)-2-ethyl-cyclopropyl]carbamoyl]-4-(3-ethyl-7-methoxy-quinoxalin-2-yl)oxy-pyrrolidin-1-yl]-3,3-dimethyl-1-oxidanylidene-butan-2-yl]carbamate' 'C36 H52 N6 O9 S'
CL non-polymer 'CHLORIDE ION' 'Cl -1'
ZN non-polymer 'ZINC ION' 'Zn 2'
#
# COMPACT_ATOMS: atom_id res chain seq x y z
N GLY A 4 -39.33 -14.05 1.94
CA GLY A 4 -39.99 -13.40 3.05
C GLY A 4 -39.56 -11.93 3.24
N SER A 5 -39.94 -11.32 4.37
CA SER A 5 -39.60 -9.91 4.68
C SER A 5 -38.34 -9.72 5.51
N VAL A 6 -37.66 -8.60 5.27
CA VAL A 6 -36.63 -8.14 6.17
C VAL A 6 -37.37 -7.60 7.37
N VAL A 7 -36.88 -7.91 8.57
CA VAL A 7 -37.56 -7.51 9.81
C VAL A 7 -36.66 -6.73 10.75
N ILE A 8 -37.16 -5.61 11.27
CA ILE A 8 -36.42 -4.84 12.27
C ILE A 8 -36.47 -5.52 13.63
N VAL A 9 -35.29 -5.88 14.15
CA VAL A 9 -35.23 -6.67 15.37
C VAL A 9 -34.50 -5.92 16.44
N GLY A 10 -34.05 -4.72 16.09
CA GLY A 10 -33.47 -3.83 17.05
C GLY A 10 -33.05 -2.52 16.42
N ARG A 11 -32.41 -1.70 17.23
CA ARG A 11 -31.95 -0.43 16.79
C ARG A 11 -30.75 0.04 17.54
N ILE A 12 -29.98 0.90 16.90
CA ILE A 12 -28.85 1.53 17.58
C ILE A 12 -28.97 3.04 17.64
N ASN A 13 -29.01 3.53 18.89
CA ASN A 13 -29.11 4.94 19.19
C ASN A 13 -27.74 5.57 19.31
N LEU A 14 -27.64 6.79 18.82
CA LEU A 14 -26.38 7.53 18.83
C LEU A 14 -26.50 8.84 19.62
N ALA A 19 -22.81 5.57 21.96
CA ALA A 19 -23.67 4.73 21.13
C ALA A 19 -24.18 3.53 21.93
N TYR A 20 -25.40 3.12 21.66
CA TYR A 20 -26.00 2.00 22.36
C TYR A 20 -27.02 1.26 21.51
N ALA A 21 -26.93 -0.06 21.57
CA ALA A 21 -27.78 -0.95 20.80
C ALA A 21 -28.92 -1.46 21.70
N GLN A 22 -30.04 -1.76 21.10
CA GLN A 22 -31.21 -2.29 21.78
C GLN A 22 -31.87 -3.29 20.84
N GLN A 23 -32.50 -4.30 21.40
CA GLN A 23 -33.16 -5.34 20.62
C GLN A 23 -34.64 -5.29 20.95
N THR A 24 -35.49 -5.58 19.98
CA THR A 24 -36.93 -5.36 20.12
C THR A 24 -37.71 -6.64 19.81
N ARG A 25 -37.04 -7.59 19.17
CA ARG A 25 -37.72 -8.74 18.67
C ARG A 25 -36.78 -9.90 18.68
N GLY A 26 -37.35 -11.07 18.93
CA GLY A 26 -36.63 -12.32 18.98
C GLY A 26 -36.90 -13.24 17.81
N GLU A 27 -36.40 -14.46 17.91
CA GLU A 27 -36.47 -15.44 16.85
C GLU A 27 -37.90 -15.85 16.50
N GLU A 28 -38.74 -16.00 17.51
CA GLU A 28 -40.13 -16.36 17.26
C GLU A 28 -40.80 -15.19 16.57
N GLY A 29 -40.64 -14.02 17.16
CA GLY A 29 -41.20 -12.79 16.62
C GLY A 29 -40.69 -12.50 15.21
N CYS A 30 -39.39 -12.67 15.03
CA CYS A 30 -38.71 -12.48 13.73
C CYS A 30 -39.13 -13.50 12.71
N GLN A 31 -39.22 -14.75 13.10
CA GLN A 31 -39.69 -15.76 12.20
C GLN A 31 -41.11 -15.43 11.78
N GLU A 32 -41.91 -15.01 12.76
CA GLU A 32 -43.30 -14.65 12.52
C GLU A 32 -43.47 -13.46 11.60
N THR A 33 -42.82 -12.35 11.95
CA THR A 33 -42.90 -11.09 11.21
C THR A 33 -42.16 -11.12 9.86
N SER A 34 -41.11 -11.93 9.75
CA SER A 34 -40.47 -12.15 8.46
C SER A 34 -41.50 -12.71 7.52
N GLN A 35 -42.34 -13.58 8.05
CA GLN A 35 -43.35 -14.23 7.26
C GLN A 35 -44.59 -13.33 7.04
N THR A 36 -45.09 -12.67 8.10
CA THR A 36 -46.28 -11.79 7.99
C THR A 36 -46.01 -10.47 7.27
N GLY A 37 -44.85 -9.88 7.47
CA GLY A 37 -44.55 -8.58 6.90
C GLY A 37 -45.23 -7.44 7.64
N ARG A 38 -45.87 -7.76 8.76
CA ARG A 38 -46.63 -6.79 9.53
C ARG A 38 -45.93 -6.61 10.88
N ASP A 39 -45.38 -5.41 11.06
CA ASP A 39 -44.67 -5.03 12.26
C ASP A 39 -45.22 -3.70 12.79
N LYS A 40 -46.12 -3.76 13.76
CA LYS A 40 -46.74 -2.55 14.28
C LYS A 40 -45.89 -1.93 15.41
N ASN A 41 -44.59 -2.32 15.49
CA ASN A 41 -43.67 -1.85 16.55
C ASN A 41 -43.19 -0.42 16.40
N GLN A 42 -42.97 0.26 17.52
CA GLN A 42 -42.39 1.61 17.50
C GLN A 42 -40.99 1.50 16.90
N VAL A 43 -40.66 2.47 16.06
CA VAL A 43 -39.32 2.59 15.46
C VAL A 43 -38.61 3.79 16.06
N GLU A 44 -37.30 3.68 16.20
CA GLU A 44 -36.48 4.73 16.80
C GLU A 44 -35.08 4.62 16.22
N GLY A 45 -34.25 5.64 16.40
CA GLY A 45 -32.83 5.48 16.12
C GLY A 45 -32.43 5.75 14.67
N GLU A 46 -31.13 5.86 14.46
CA GLU A 46 -30.56 6.16 13.15
C GLU A 46 -30.17 4.89 12.40
N VAL A 47 -29.58 3.97 13.11
CA VAL A 47 -29.27 2.62 12.60
C VAL A 47 -30.26 1.59 13.16
N GLN A 48 -30.70 0.69 12.30
CA GLN A 48 -31.57 -0.40 12.65
C GLN A 48 -30.81 -1.71 12.55
N ILE A 49 -31.11 -2.61 13.48
CA ILE A 49 -30.62 -3.95 13.42
C ILE A 49 -31.70 -4.70 12.75
N VAL A 50 -31.32 -5.45 11.72
CA VAL A 50 -32.29 -6.04 10.82
C VAL A 50 -31.96 -7.50 10.55
N SER A 51 -33.02 -8.31 10.37
CA SER A 51 -32.90 -9.75 10.17
C SER A 51 -33.81 -10.29 9.09
N THR A 52 -33.26 -11.20 8.28
CA THR A 52 -34.08 -12.08 7.47
C THR A 52 -34.30 -13.32 8.32
N ALA A 53 -34.75 -14.41 7.72
CA ALA A 53 -34.85 -15.69 8.44
C ALA A 53 -33.48 -16.36 8.62
N THR A 54 -32.50 -15.97 7.80
CA THR A 54 -31.19 -16.64 7.77
C THR A 54 -30.05 -15.74 8.22
N GLN A 55 -30.18 -14.43 8.02
CA GLN A 55 -29.09 -13.50 8.26
C GLN A 55 -29.54 -12.29 9.10
N THR A 56 -28.57 -11.71 9.80
CA THR A 56 -28.78 -10.48 10.57
C THR A 56 -27.65 -9.50 10.30
N PHE A 57 -28.01 -8.23 10.07
CA PHE A 57 -27.05 -7.21 9.69
C PHE A 57 -27.66 -5.87 10.11
N LEU A 58 -27.13 -4.78 9.56
CA LEU A 58 -27.58 -3.43 9.90
C LEU A 58 -28.24 -2.70 8.72
N ALA A 59 -29.02 -1.67 9.02
CA ALA A 59 -29.57 -0.77 7.99
C ALA A 59 -29.58 0.66 8.52
N THR A 60 -29.35 1.63 7.66
CA THR A 60 -29.11 2.99 8.11
C THR A 60 -29.89 3.98 7.28
N SER A 61 -30.58 4.87 7.98
CA SER A 61 -31.47 5.84 7.34
CA SER A 61 -31.46 5.84 7.34
C SER A 61 -30.73 7.11 6.93
N ILE A 62 -30.78 7.43 5.63
CA ILE A 62 -30.20 8.66 5.07
C ILE A 62 -31.14 9.20 3.98
N ASN A 63 -31.43 10.51 4.02
CA ASN A 63 -32.36 11.19 3.10
C ASN A 63 -33.71 10.55 3.06
N GLY A 64 -34.19 10.23 4.25
CA GLY A 64 -35.51 9.68 4.40
C GLY A 64 -35.59 8.31 3.78
N VAL A 65 -34.43 7.74 3.48
CA VAL A 65 -34.33 6.39 2.90
C VAL A 65 -33.52 5.49 3.86
N LEU A 66 -34.05 4.29 4.13
CA LEU A 66 -33.33 3.26 4.89
C LEU A 66 -32.52 2.36 3.96
N TRP A 67 -31.20 2.49 4.06
CA TRP A 67 -30.27 1.83 3.19
C TRP A 67 -29.58 0.63 3.82
N THR A 68 -29.39 -0.41 3.03
CA THR A 68 -28.53 -1.49 3.45
C THR A 68 -27.99 -2.23 2.24
N VAL A 69 -27.36 -3.36 2.53
CA VAL A 69 -26.68 -4.18 1.54
C VAL A 69 -27.57 -5.22 0.87
N TYR A 70 -27.36 -5.33 -0.42
CA TYR A 70 -28.04 -6.33 -1.21
C TYR A 70 -27.63 -7.78 -0.83
N HIS A 71 -26.36 -8.01 -0.51
CA HIS A 71 -25.98 -9.36 -0.14
C HIS A 71 -26.70 -9.84 1.10
N GLY A 72 -27.30 -8.89 1.82
CA GLY A 72 -28.13 -9.16 2.97
C GLY A 72 -29.61 -9.20 2.65
N ALA A 73 -30.08 -8.21 1.91
CA ALA A 73 -31.53 -7.98 1.72
C ALA A 73 -32.12 -8.65 0.48
N GLY A 74 -31.29 -8.92 -0.52
CA GLY A 74 -31.77 -9.42 -1.79
C GLY A 74 -32.79 -8.45 -2.33
N THR A 75 -33.93 -8.96 -2.74
CA THR A 75 -34.99 -8.14 -3.27
C THR A 75 -36.14 -8.08 -2.29
N ARG A 76 -35.90 -8.56 -1.07
CA ARG A 76 -36.98 -8.70 -0.11
C ARG A 76 -37.64 -7.36 0.16
N THR A 77 -38.92 -7.48 0.48
CA THR A 77 -39.75 -6.42 1.05
C THR A 77 -39.41 -6.24 2.53
N ILE A 78 -39.82 -5.11 3.09
CA ILE A 78 -39.57 -4.86 4.49
C ILE A 78 -40.86 -4.83 5.29
N ALA A 79 -40.84 -5.36 6.51
CA ALA A 79 -42.03 -5.35 7.35
C ALA A 79 -42.32 -3.96 7.95
N SER A 80 -43.57 -3.53 7.83
CA SER A 80 -44.06 -2.24 8.29
C SER A 80 -45.39 -2.40 9.02
N PRO A 81 -45.87 -1.37 9.73
CA PRO A 81 -47.11 -1.51 10.49
C PRO A 81 -48.34 -1.74 9.61
N LYS A 82 -48.24 -1.30 8.36
CA LYS A 82 -49.31 -1.46 7.40
C LYS A 82 -49.03 -2.55 6.38
N GLY A 83 -48.07 -3.40 6.68
CA GLY A 83 -47.74 -4.48 5.79
C GLY A 83 -46.42 -4.27 5.10
N PRO A 84 -45.99 -5.31 4.41
CA PRO A 84 -44.72 -5.34 3.67
C PRO A 84 -44.56 -4.15 2.72
N VAL A 85 -43.34 -3.61 2.65
CA VAL A 85 -43.03 -2.46 1.81
C VAL A 85 -41.92 -2.83 0.82
N THR A 86 -42.16 -2.58 -0.45
CA THR A 86 -41.23 -2.90 -1.51
C THR A 86 -40.06 -1.92 -1.53
N GLN A 87 -38.95 -2.40 -2.08
CA GLN A 87 -37.76 -1.60 -2.24
C GLN A 87 -37.99 -0.46 -3.19
N MET A 88 -37.39 0.66 -2.83
CA MET A 88 -37.41 1.86 -3.61
C MET A 88 -36.22 1.89 -4.54
N TYR A 89 -35.13 1.31 -4.06
CA TYR A 89 -33.87 1.26 -4.79
C TYR A 89 -33.25 -0.11 -4.67
N THR A 90 -32.68 -0.56 -5.78
CA THR A 90 -32.02 -1.84 -5.88
C THR A 90 -30.94 -1.63 -6.91
N ASN A 91 -29.72 -1.52 -6.45
CA ASN A 91 -28.62 -1.39 -7.35
C ASN A 91 -27.61 -2.45 -6.95
N VAL A 92 -27.63 -3.56 -7.70
CA VAL A 92 -26.88 -4.74 -7.30
C VAL A 92 -25.37 -4.59 -7.45
N ASP A 93 -24.96 -3.81 -8.44
CA ASP A 93 -23.56 -3.50 -8.67
C ASP A 93 -22.94 -2.58 -7.66
N LYS A 94 -23.79 -2.02 -6.81
CA LYS A 94 -23.30 -1.33 -5.63
C LYS A 94 -23.54 -2.15 -4.34
N ASP A 95 -24.14 -3.34 -4.47
CA ASP A 95 -24.57 -4.15 -3.33
C ASP A 95 -25.52 -3.29 -2.51
N LEU A 96 -26.40 -2.56 -3.18
CA LEU A 96 -27.18 -1.54 -2.51
C LEU A 96 -28.68 -1.73 -2.67
N VAL A 97 -29.41 -1.61 -1.58
CA VAL A 97 -30.87 -1.60 -1.61
C VAL A 97 -31.34 -0.52 -0.65
N GLY A 98 -32.55 -0.02 -0.88
CA GLY A 98 -33.15 1.03 -0.07
C GLY A 98 -34.65 0.95 0.00
N TRP A 99 -35.20 1.12 1.20
CA TRP A 99 -36.64 1.28 1.34
C TRP A 99 -36.91 2.66 1.87
N GLN A 100 -38.13 3.12 1.72
CA GLN A 100 -38.52 4.35 2.38
C GLN A 100 -38.33 4.25 3.91
N ALA A 101 -37.70 5.26 4.50
CA ALA A 101 -37.37 5.19 5.91
C ALA A 101 -38.68 5.07 6.66
N PRO A 102 -38.76 4.11 7.59
CA PRO A 102 -40.04 3.95 8.28
C PRO A 102 -40.21 5.03 9.29
N GLN A 103 -41.47 5.35 9.53
CA GLN A 103 -41.84 6.24 10.57
C GLN A 103 -41.15 5.97 11.88
N GLY A 104 -40.46 7.01 12.37
CA GLY A 104 -39.82 6.98 13.67
C GLY A 104 -38.32 6.93 13.55
N SER A 105 -37.83 6.55 12.38
CA SER A 105 -36.40 6.58 12.16
C SER A 105 -36.02 8.03 11.94
N ARG A 106 -34.78 8.39 12.23
CA ARG A 106 -34.24 9.71 11.93
C ARG A 106 -33.09 9.43 11.00
N SER A 107 -32.98 10.23 9.96
CA SER A 107 -31.94 10.00 8.99
C SER A 107 -30.67 10.67 9.44
N LEU A 108 -29.56 10.05 9.08
CA LEU A 108 -28.29 10.69 9.31
C LEU A 108 -28.09 11.78 8.27
N THR A 109 -27.39 12.79 8.72
CA THR A 109 -27.06 13.94 7.92
C THR A 109 -25.77 13.58 7.22
N PRO A 110 -25.70 13.81 5.90
CA PRO A 110 -24.46 13.52 5.14
C PRO A 110 -23.25 14.38 5.57
N CYS A 111 -22.05 13.80 5.55
CA CYS A 111 -20.84 14.51 5.96
C CYS A 111 -20.30 15.41 4.88
N THR A 112 -20.00 16.65 5.23
CA THR A 112 -19.36 17.53 4.25
C THR A 112 -18.11 18.14 4.87
N CYS A 113 -17.80 17.75 6.09
CA CYS A 113 -16.65 18.30 6.76
C CYS A 113 -15.34 17.78 6.17
N GLY A 114 -15.45 16.80 5.29
CA GLY A 114 -14.31 16.24 4.61
C GLY A 114 -13.27 15.57 5.47
N SER A 115 -13.64 15.24 6.70
CA SER A 115 -12.69 14.57 7.56
C SER A 115 -12.33 13.19 7.03
N SER A 116 -11.14 12.75 7.41
CA SER A 116 -10.62 11.43 7.08
C SER A 116 -10.54 10.58 8.36
N ASP A 117 -10.92 11.18 9.50
CA ASP A 117 -11.08 10.44 10.76
C ASP A 117 -12.52 9.98 10.93
N LEU A 118 -12.76 8.72 10.61
CA LEU A 118 -14.13 8.19 10.57
C LEU A 118 -14.34 7.23 11.71
N TYR A 119 -15.60 6.90 11.98
CA TYR A 119 -15.97 6.01 13.09
C TYR A 119 -17.10 5.03 12.67
N LEU A 120 -16.79 3.74 12.60
CA LEU A 120 -17.75 2.70 12.17
C LEU A 120 -18.54 2.16 13.37
N VAL A 121 -19.86 2.01 13.20
CA VAL A 121 -20.73 1.49 14.24
C VAL A 121 -21.16 0.07 13.95
N THR A 122 -20.90 -0.81 14.91
CA THR A 122 -21.16 -2.23 14.78
C THR A 122 -22.48 -2.60 15.40
N ARG A 123 -22.94 -3.81 15.11
CA ARG A 123 -24.21 -4.28 15.65
C ARG A 123 -24.24 -4.35 17.15
N HIS A 124 -23.07 -4.19 17.79
CA HIS A 124 -22.99 -4.09 19.26
C HIS A 124 -22.89 -2.65 19.66
N ALA A 125 -23.03 -1.76 18.70
CA ALA A 125 -22.96 -0.34 18.97
C ALA A 125 -21.56 -0.03 19.50
N ASP A 126 -20.57 -0.79 19.04
CA ASP A 126 -19.19 -0.39 19.27
C ASP A 126 -18.84 0.61 18.17
N VAL A 127 -17.96 1.54 18.49
CA VAL A 127 -17.51 2.55 17.57
C VAL A 127 -16.03 2.35 17.28
N ILE A 128 -15.74 2.08 16.02
CA ILE A 128 -14.41 1.65 15.56
C ILE A 128 -13.73 2.70 14.67
N PRO A 129 -12.57 3.22 15.11
CA PRO A 129 -11.83 4.21 14.34
C PRO A 129 -11.31 3.76 12.97
N VAL A 130 -11.60 4.58 11.98
CA VAL A 130 -11.13 4.36 10.62
C VAL A 130 -10.40 5.60 10.12
N ARG A 131 -9.38 5.35 9.30
CA ARG A 131 -8.69 6.42 8.59
C ARG A 131 -9.15 6.30 7.16
N ARG A 132 -9.80 7.35 6.66
CA ARG A 132 -10.23 7.40 5.30
C ARG A 132 -8.99 7.30 4.44
N ARG A 133 -9.06 6.42 3.47
CA ARG A 133 -7.99 6.17 2.52
C ARG A 133 -8.42 6.54 1.13
N GLY A 134 -9.71 6.78 0.98
CA GLY A 134 -10.23 7.20 -0.30
C GLY A 134 -11.73 7.22 -0.30
N ASP A 135 -12.34 7.34 -1.47
CA ASP A 135 -13.81 7.48 -1.58
C ASP A 135 -14.66 6.43 -0.88
N SER A 136 -14.36 5.15 -1.11
CA SER A 136 -15.13 4.06 -0.56
C SER A 136 -14.28 3.14 0.30
N ARG A 137 -13.08 3.59 0.61
CA ARG A 137 -12.13 2.80 1.39
C ARG A 137 -11.75 3.46 2.70
N GLY A 138 -11.68 2.65 3.75
CA GLY A 138 -11.18 3.12 5.03
C GLY A 138 -10.29 2.07 5.64
N SER A 139 -9.14 2.47 6.18
CA SER A 139 -8.25 1.52 6.82
C SER A 139 -8.54 1.52 8.36
N LEU A 140 -8.56 0.34 8.96
CA LEU A 140 -8.75 0.21 10.38
C LEU A 140 -7.46 0.52 11.06
N LEU A 141 -7.56 1.17 12.21
CA LEU A 141 -6.40 1.53 13.02
C LEU A 141 -5.89 0.26 13.71
N SER A 142 -6.84 -0.51 14.25
CA SER A 142 -6.58 -1.86 14.75
C SER A 142 -7.34 -2.87 13.86
N PRO A 143 -6.63 -3.78 13.18
CA PRO A 143 -7.31 -4.81 12.37
C PRO A 143 -8.20 -5.76 13.20
N ARG A 144 -9.22 -6.34 12.59
CA ARG A 144 -10.19 -7.15 13.32
C ARG A 144 -10.45 -8.51 12.65
N PRO A 145 -10.81 -9.52 13.47
CA PRO A 145 -11.29 -10.81 12.94
C PRO A 145 -12.65 -10.61 12.23
N ILE A 146 -12.74 -11.24 11.05
CA ILE A 146 -13.89 -11.15 10.18
C ILE A 146 -15.18 -11.39 10.90
N SER A 147 -15.18 -12.31 11.84
CA SER A 147 -16.43 -12.67 12.47
C SER A 147 -16.80 -11.67 13.51
N TYR A 148 -15.85 -10.81 13.88
CA TYR A 148 -16.17 -9.75 14.85
C TYR A 148 -17.03 -8.66 14.21
N LEU A 149 -16.81 -8.46 12.92
CA LEU A 149 -17.48 -7.42 12.15
C LEU A 149 -18.63 -7.97 11.32
N LYS A 150 -18.85 -9.27 11.37
CA LYS A 150 -19.96 -9.86 10.65
C LYS A 150 -21.21 -9.42 11.34
N GLY A 151 -22.14 -8.92 10.55
CA GLY A 151 -23.41 -8.40 11.03
C GLY A 151 -23.50 -6.89 11.11
N SER A 152 -22.45 -6.21 10.67
CA SER A 152 -22.37 -4.76 10.78
C SER A 152 -22.46 -4.08 9.40
N SER A 153 -22.52 -4.87 8.35
CA SER A 153 -22.76 -4.31 7.04
C SER A 153 -24.11 -3.64 7.07
N GLY A 154 -24.21 -2.55 6.30
CA GLY A 154 -25.40 -1.73 6.24
C GLY A 154 -25.33 -0.68 7.30
N GLY A 155 -24.35 -0.77 8.19
CA GLY A 155 -24.23 0.16 9.29
C GLY A 155 -23.38 1.33 8.84
N PRO A 156 -23.38 2.41 9.62
CA PRO A 156 -22.84 3.68 9.18
C PRO A 156 -21.38 3.89 9.51
N LEU A 157 -20.69 4.64 8.65
CA LEU A 157 -19.42 5.23 9.05
C LEU A 157 -19.63 6.73 9.30
N LEU A 158 -19.24 7.22 10.46
CA LEU A 158 -19.51 8.61 10.84
C LEU A 158 -18.22 9.44 10.84
N CYS A 159 -18.40 10.74 10.75
CA CYS A 159 -17.31 11.68 10.89
C CYS A 159 -17.33 12.12 12.36
N PRO A 160 -16.29 12.85 12.81
CA PRO A 160 -16.17 13.23 14.24
C PRO A 160 -17.39 13.98 14.77
N ALA A 161 -18.05 14.69 13.85
CA ALA A 161 -19.23 15.52 14.09
C ALA A 161 -20.54 14.72 14.11
N GLY A 162 -20.45 13.43 13.79
CA GLY A 162 -21.61 12.56 13.78
C GLY A 162 -22.37 12.49 12.47
N HIS A 163 -21.80 13.03 11.38
CA HIS A 163 -22.42 12.99 10.05
C HIS A 163 -22.15 11.64 9.36
N ALA A 164 -22.99 11.26 8.41
CA ALA A 164 -22.80 10.02 7.66
C ALA A 164 -21.78 10.19 6.53
N VAL A 165 -20.83 9.27 6.46
CA VAL A 165 -19.80 9.24 5.44
C VAL A 165 -20.08 8.08 4.49
N GLY A 166 -20.79 7.07 4.99
CA GLY A 166 -21.15 5.95 4.15
C GLY A 166 -21.76 4.79 4.89
N ILE A 167 -21.97 3.72 4.14
CA ILE A 167 -22.61 2.48 4.61
C ILE A 167 -21.62 1.33 4.46
N PHE A 168 -21.35 0.62 5.57
CA PHE A 168 -20.44 -0.53 5.59
C PHE A 168 -20.90 -1.60 4.65
N ARG A 169 -20.05 -2.00 3.72
CA ARG A 169 -20.43 -2.97 2.69
C ARG A 169 -19.63 -4.27 2.77
N THR A 170 -18.32 -4.17 2.65
CA THR A 170 -17.42 -5.33 2.59
C THR A 170 -16.20 -5.02 3.44
N ALA A 171 -15.61 -6.09 3.96
CA ALA A 171 -14.37 -6.03 4.71
C ALA A 171 -13.20 -6.48 3.83
N VAL A 172 -12.08 -5.76 3.93
CA VAL A 172 -10.85 -6.02 3.17
C VAL A 172 -9.83 -6.88 3.98
N SER A 173 -9.80 -8.17 3.64
CA SER A 173 -9.20 -9.20 4.48
C SER A 173 -7.92 -9.89 3.91
N THR A 174 -6.92 -10.05 4.76
CA THR A 174 -5.76 -10.90 4.48
C THR A 174 -5.65 -11.95 5.58
N ARG A 175 -5.61 -13.21 5.14
CA ARG A 175 -5.52 -14.37 6.00
C ARG A 175 -6.54 -14.30 7.13
N GLY A 176 -7.80 -14.00 6.81
CA GLY A 176 -8.85 -14.00 7.84
C GLY A 176 -8.94 -12.79 8.76
N VAL A 177 -8.15 -11.77 8.48
CA VAL A 177 -8.08 -10.59 9.33
C VAL A 177 -8.46 -9.41 8.47
N ALA A 178 -9.40 -8.62 8.94
CA ALA A 178 -9.76 -7.40 8.23
C ALA A 178 -8.80 -6.25 8.55
N LYS A 179 -8.09 -5.79 7.51
CA LYS A 179 -7.17 -4.67 7.63
C LYS A 179 -7.81 -3.29 7.27
N ALA A 180 -8.95 -3.34 6.59
CA ALA A 180 -9.66 -2.18 6.04
C ALA A 180 -11.13 -2.52 5.75
N VAL A 181 -11.92 -1.48 5.46
CA VAL A 181 -13.36 -1.59 5.17
C VAL A 181 -13.69 -0.91 3.83
N ASP A 182 -14.67 -1.48 3.15
CA ASP A 182 -15.26 -0.90 1.95
C ASP A 182 -16.66 -0.44 2.28
N PHE A 183 -16.97 0.76 1.84
CA PHE A 183 -18.23 1.35 2.17
C PHE A 183 -18.84 2.05 0.97
N ILE A 184 -20.15 2.09 0.99
CA ILE A 184 -20.91 2.82 0.01
C ILE A 184 -20.99 4.29 0.44
N PRO A 185 -20.36 5.20 -0.32
CA PRO A 185 -20.37 6.60 0.15
C PRO A 185 -21.73 7.24 -0.04
N VAL A 186 -21.98 8.23 0.82
CA VAL A 186 -23.23 8.99 0.81
C VAL A 186 -23.54 9.67 -0.59
N GLU A 187 -22.48 10.09 -1.27
CA GLU A 187 -22.56 10.63 -2.64
C GLU A 187 -23.16 9.67 -3.67
N SER A 188 -22.85 8.39 -3.51
CA SER A 188 -23.35 7.33 -4.42
C SER A 188 -24.83 6.99 -4.13
N LEU A 189 -25.23 7.17 -2.89
CA LEU A 189 -26.64 7.10 -2.54
C LEU A 189 -27.33 8.26 -3.23
N GLU A 190 -26.71 9.45 -3.15
CA GLU A 190 -27.24 10.63 -3.85
C GLU A 190 -27.37 10.35 -5.33
N THR A 191 -26.32 9.82 -5.91
CA THR A 191 -26.33 9.40 -7.31
C THR A 191 -27.44 8.40 -7.59
N THR A 192 -27.60 7.42 -6.72
CA THR A 192 -28.65 6.45 -6.92
C THR A 192 -30.03 7.10 -6.90
N MET A 193 -30.24 8.04 -5.98
CA MET A 193 -31.51 8.76 -5.89
C MET A 193 -31.65 9.73 -7.08
N ARG A 194 -30.53 10.31 -7.47
CA ARG A 194 -30.38 11.27 -8.57
C ARG A 194 -29.99 12.66 -8.12
N LYS B 2 7.46 -9.81 -20.58
CA LYS B 2 6.66 -9.60 -19.39
C LYS B 2 7.52 -8.90 -18.35
N LYS B 3 8.44 -8.08 -18.86
CA LYS B 3 9.38 -7.32 -18.04
C LYS B 3 8.74 -6.18 -17.26
N GLY B 4 9.24 -5.92 -16.06
CA GLY B 4 8.73 -4.83 -15.25
C GLY B 4 9.36 -3.44 -15.42
N SER B 5 9.07 -2.53 -14.49
CA SER B 5 9.63 -1.17 -14.54
C SER B 5 10.95 -1.09 -13.76
N VAL B 6 11.81 -0.19 -14.20
CA VAL B 6 13.00 0.18 -13.45
C VAL B 6 12.54 0.93 -12.21
N VAL B 7 13.20 0.67 -11.09
CA VAL B 7 12.77 1.21 -9.81
C VAL B 7 13.89 2.03 -9.14
N ILE B 8 13.54 3.21 -8.65
CA ILE B 8 14.42 4.00 -7.84
C ILE B 8 14.47 3.41 -6.45
N VAL B 9 15.68 3.01 -6.06
CA VAL B 9 15.91 2.36 -4.77
C VAL B 9 16.95 3.14 -3.96
N GLY B 10 17.39 4.27 -4.49
CA GLY B 10 18.24 5.16 -3.73
C GLY B 10 18.65 6.38 -4.50
N ARG B 11 19.52 7.18 -3.88
CA ARG B 11 20.03 8.41 -4.46
C ARG B 11 21.44 8.65 -3.99
N ILE B 12 22.21 9.35 -4.80
CA ILE B 12 23.52 9.78 -4.40
C ILE B 12 23.44 11.31 -4.39
N ASN B 13 23.45 11.87 -3.17
CA ASN B 13 23.37 13.30 -2.96
C ASN B 13 24.74 13.93 -3.19
N LEU B 14 24.77 15.03 -3.92
CA LEU B 14 26.01 15.72 -4.26
C LEU B 14 26.02 17.16 -3.84
N SER B 15 24.93 17.65 -3.27
CA SER B 15 24.77 19.06 -2.95
C SER B 15 25.59 19.67 -1.82
N GLY B 16 25.62 18.96 -0.70
CA GLY B 16 26.28 19.40 0.50
C GLY B 16 27.72 19.87 0.47
N ASP B 17 28.61 18.93 0.22
CA ASP B 17 30.04 19.20 0.23
C ASP B 17 30.77 17.88 0.11
N THR B 18 30.18 16.86 0.72
CA THR B 18 30.71 15.52 0.67
C THR B 18 29.59 14.67 0.09
N ALA B 19 29.91 13.89 -0.93
CA ALA B 19 28.93 13.05 -1.60
C ALA B 19 28.47 11.91 -0.72
N TYR B 20 27.17 11.63 -0.75
CA TYR B 20 26.68 10.51 0.06
C TYR B 20 25.53 9.80 -0.57
N ALA B 21 25.62 8.48 -0.52
CA ALA B 21 24.62 7.61 -1.11
C ALA B 21 23.70 7.15 -0.02
N GLN B 22 22.40 7.13 -0.32
CA GLN B 22 21.45 6.59 0.63
C GLN B 22 20.33 5.83 -0.10
N GLN B 23 19.83 4.78 0.54
CA GLN B 23 18.90 3.83 -0.07
C GLN B 23 17.50 4.00 0.49
N THR B 24 16.50 3.75 -0.36
CA THR B 24 15.11 4.10 -0.10
C THR B 24 14.14 2.90 -0.25
N ARG B 25 14.64 1.79 -0.80
CA ARG B 25 13.80 0.64 -1.11
C ARG B 25 14.59 -0.66 -1.01
N GLY B 26 13.91 -1.75 -0.61
CA GLY B 26 14.54 -3.06 -0.61
C GLY B 26 13.97 -3.93 -1.72
N GLU B 27 14.37 -5.21 -1.74
CA GLU B 27 14.06 -6.14 -2.85
C GLU B 27 12.56 -6.37 -3.07
N GLU B 28 11.81 -6.42 -1.98
CA GLU B 28 10.35 -6.58 -2.01
C GLU B 28 9.68 -5.35 -2.65
N GLY B 29 10.06 -4.17 -2.17
CA GLY B 29 9.53 -2.94 -2.73
C GLY B 29 9.82 -2.89 -4.21
N CYS B 30 11.05 -3.24 -4.56
CA CYS B 30 11.50 -3.25 -5.93
C CYS B 30 10.76 -4.31 -6.81
N GLN B 31 10.59 -5.54 -6.34
CA GLN B 31 9.83 -6.55 -7.09
C GLN B 31 8.40 -6.11 -7.27
N GLU B 32 7.79 -5.61 -6.21
CA GLU B 32 6.40 -5.15 -6.29
C GLU B 32 6.25 -3.97 -7.24
N THR B 33 7.08 -2.95 -7.06
CA THR B 33 6.99 -1.70 -7.81
C THR B 33 7.37 -1.88 -9.27
N SER B 34 8.32 -2.77 -9.52
CA SER B 34 8.65 -3.14 -10.87
C SER B 34 7.44 -3.72 -11.58
N GLN B 35 6.59 -4.39 -10.81
CA GLN B 35 5.41 -5.02 -11.40
C GLN B 35 4.27 -4.01 -11.54
N THR B 36 4.00 -3.26 -10.46
CA THR B 36 2.93 -2.27 -10.43
C THR B 36 3.27 -1.05 -11.27
N GLY B 37 4.54 -0.68 -11.29
CA GLY B 37 4.98 0.51 -12.01
C GLY B 37 4.60 1.77 -11.26
N ARG B 38 4.05 1.62 -10.05
CA ARG B 38 3.55 2.74 -9.27
C ARG B 38 4.36 2.96 -7.99
N ASP B 39 5.07 4.10 -7.95
CA ASP B 39 5.95 4.55 -6.86
C ASP B 39 5.61 5.97 -6.37
N LYS B 40 4.88 6.07 -5.27
CA LYS B 40 4.45 7.37 -4.76
C LYS B 40 5.53 7.99 -3.87
N ASN B 41 6.76 7.49 -3.97
CA ASN B 41 7.82 8.00 -3.13
C ASN B 41 8.38 9.35 -3.57
N GLN B 42 8.74 10.16 -2.57
CA GLN B 42 9.38 11.46 -2.78
C GLN B 42 10.72 11.25 -3.44
N VAL B 43 11.01 12.02 -4.50
CA VAL B 43 12.29 11.96 -5.19
C VAL B 43 13.07 13.25 -5.05
N GLU B 44 14.37 13.14 -4.84
CA GLU B 44 15.30 14.27 -4.78
C GLU B 44 16.67 13.81 -5.25
N GLY B 45 17.53 14.78 -5.50
CA GLY B 45 18.90 14.51 -5.88
C GLY B 45 19.09 14.51 -7.39
N GLU B 46 20.36 14.48 -7.79
CA GLU B 46 20.78 14.50 -9.17
C GLU B 46 21.03 13.10 -9.66
N VAL B 47 21.68 12.29 -8.84
CA VAL B 47 21.92 10.88 -9.17
C VAL B 47 20.93 9.95 -8.44
N GLN B 48 20.39 8.99 -9.20
CA GLN B 48 19.50 7.97 -8.65
C GLN B 48 20.19 6.58 -8.73
N ILE B 49 19.99 5.75 -7.72
CA ILE B 49 20.36 4.36 -7.75
C ILE B 49 19.13 3.58 -8.17
N VAL B 50 19.32 2.76 -9.18
CA VAL B 50 18.19 2.18 -9.86
C VAL B 50 18.39 0.69 -10.03
N SER B 51 17.25 -0.01 -9.96
CA SER B 51 17.23 -1.46 -10.02
C SER B 51 16.10 -1.95 -10.90
N THR B 52 16.43 -2.93 -11.72
CA THR B 52 15.45 -3.76 -12.41
C THR B 52 15.19 -4.97 -11.53
N ALA B 53 14.60 -6.04 -12.08
CA ALA B 53 14.49 -7.30 -11.33
C ALA B 53 15.82 -8.04 -11.22
N THR B 54 16.74 -7.79 -12.15
CA THR B 54 18.01 -8.52 -12.29
C THR B 54 19.30 -7.67 -12.08
N GLN B 55 19.26 -6.37 -12.38
CA GLN B 55 20.47 -5.53 -12.37
C GLN B 55 20.28 -4.23 -11.56
N THR B 56 21.36 -3.69 -10.95
CA THR B 56 21.33 -2.42 -10.20
CA THR B 56 21.34 -2.42 -10.21
C THR B 56 22.51 -1.52 -10.61
N PHE B 57 22.19 -0.26 -10.91
CA PHE B 57 23.14 0.64 -11.55
C PHE B 57 22.70 2.06 -11.19
N LEU B 58 23.18 3.04 -11.92
CA LEU B 58 22.85 4.43 -11.63
C LEU B 58 22.07 5.10 -12.76
N ALA B 59 21.40 6.20 -12.46
CA ALA B 59 20.86 7.09 -13.49
C ALA B 59 21.11 8.53 -13.06
N THR B 60 21.35 9.41 -14.04
CA THR B 60 21.76 10.79 -13.79
C THR B 60 20.90 11.80 -14.58
N SER B 61 20.40 12.84 -13.91
CA SER B 61 19.57 13.83 -14.58
CA SER B 61 19.56 13.82 -14.59
C SER B 61 20.34 15.02 -15.12
N ILE B 62 20.20 15.26 -16.42
CA ILE B 62 20.80 16.40 -17.11
C ILE B 62 19.75 16.86 -18.09
N ASN B 63 19.49 18.18 -18.11
CA ASN B 63 18.44 18.82 -18.93
C ASN B 63 17.05 18.26 -18.74
N GLY B 64 16.65 18.05 -17.49
CA GLY B 64 15.30 17.57 -17.21
C GLY B 64 15.05 16.17 -17.72
N VAL B 65 16.11 15.50 -18.15
CA VAL B 65 16.03 14.12 -18.62
C VAL B 65 16.90 13.27 -17.72
N LEU B 66 16.34 12.17 -17.22
CA LEU B 66 17.08 11.20 -16.41
C LEU B 66 17.66 10.12 -17.32
N TRP B 67 18.98 10.15 -17.42
CA TRP B 67 19.71 9.33 -18.36
C TRP B 67 20.34 8.12 -17.69
N THR B 68 20.33 6.98 -18.39
CA THR B 68 20.99 5.75 -17.95
C THR B 68 21.55 5.03 -19.17
N VAL B 69 22.13 3.86 -18.92
CA VAL B 69 22.67 3.02 -19.95
C VAL B 69 21.63 1.98 -20.31
N TYR B 70 21.58 1.65 -21.60
CA TYR B 70 20.67 0.67 -22.14
C TYR B 70 21.02 -0.74 -21.64
N HIS B 71 22.30 -1.03 -21.45
CA HIS B 71 22.67 -2.38 -21.02
C HIS B 71 22.09 -2.69 -19.66
N GLY B 72 21.61 -1.64 -18.99
CA GLY B 72 20.91 -1.82 -17.73
C GLY B 72 19.40 -1.85 -17.85
N ALA B 73 18.83 -0.88 -18.55
CA ALA B 73 17.40 -0.67 -18.51
C ALA B 73 16.68 -1.35 -19.67
N GLY B 74 17.38 -1.63 -20.75
CA GLY B 74 16.73 -2.14 -21.94
C GLY B 74 15.70 -1.13 -22.40
N THR B 75 14.49 -1.61 -22.63
CA THR B 75 13.40 -0.76 -23.13
C THR B 75 12.39 -0.41 -22.04
N ARG B 76 12.67 -0.77 -20.81
CA ARG B 76 11.73 -0.66 -19.71
C ARG B 76 11.27 0.75 -19.39
N THR B 77 10.03 0.84 -18.92
CA THR B 77 9.49 2.04 -18.29
C THR B 77 10.07 2.23 -16.90
N ILE B 78 9.82 3.40 -16.31
CA ILE B 78 10.16 3.68 -14.93
C ILE B 78 8.89 3.92 -14.10
N ALA B 79 8.89 3.41 -12.87
CA ALA B 79 7.76 3.52 -11.94
C ALA B 79 7.58 4.96 -11.41
N SER B 80 6.33 5.42 -11.31
CA SER B 80 6.02 6.79 -10.89
C SER B 80 4.64 6.87 -10.26
N PRO B 81 4.31 8.00 -9.62
CA PRO B 81 3.03 8.12 -8.89
C PRO B 81 1.78 8.00 -9.79
N LYS B 82 1.97 8.24 -11.08
CA LYS B 82 0.90 8.14 -12.07
C LYS B 82 1.14 6.89 -12.88
N GLY B 83 1.78 5.90 -12.27
CA GLY B 83 2.03 4.64 -12.95
C GLY B 83 3.28 4.70 -13.84
N PRO B 84 3.52 3.64 -14.60
CA PRO B 84 4.73 3.52 -15.40
C PRO B 84 4.96 4.63 -16.45
N VAL B 85 6.22 5.02 -16.66
CA VAL B 85 6.58 6.04 -17.65
C VAL B 85 7.52 5.50 -18.77
N THR B 86 7.07 5.68 -20.01
CA THR B 86 7.79 5.21 -21.18
C THR B 86 8.98 6.11 -21.46
N GLN B 87 10.00 5.51 -22.06
CA GLN B 87 11.22 6.20 -22.41
C GLN B 87 11.00 7.27 -23.43
N MET B 88 11.72 8.35 -23.20
CA MET B 88 11.68 9.52 -24.03
C MET B 88 12.75 9.42 -25.08
N TYR B 89 13.84 8.74 -24.72
CA TYR B 89 14.98 8.57 -25.61
C TYR B 89 15.51 7.18 -25.52
N THR B 90 15.90 6.62 -26.66
CA THR B 90 16.43 5.26 -26.71
C THR B 90 17.41 5.08 -27.86
N ASN B 91 18.69 5.05 -27.57
CA ASN B 91 19.72 4.76 -28.57
C ASN B 91 20.65 3.63 -28.14
N VAL B 92 20.41 2.44 -28.68
CA VAL B 92 21.10 1.23 -28.23
C VAL B 92 22.57 1.22 -28.65
N ASP B 93 22.87 1.82 -29.80
CA ASP B 93 24.23 1.92 -30.27
C ASP B 93 25.03 2.89 -29.46
N LYS B 94 24.37 3.70 -28.64
CA LYS B 94 25.05 4.53 -27.66
C LYS B 94 24.88 3.93 -26.26
N ASP B 95 24.15 2.82 -26.16
CA ASP B 95 23.85 2.24 -24.86
C ASP B 95 23.15 3.28 -24.04
N LEU B 96 22.23 4.01 -24.65
CA LEU B 96 21.64 5.19 -23.99
C LEU B 96 20.12 5.13 -23.94
N VAL B 97 19.60 5.45 -22.76
CA VAL B 97 18.17 5.53 -22.48
C VAL B 97 17.93 6.82 -21.67
N GLY B 98 16.78 7.46 -21.85
CA GLY B 98 16.45 8.64 -21.11
C GLY B 98 14.97 8.66 -20.88
N TRP B 99 14.59 8.94 -19.64
CA TRP B 99 13.19 9.23 -19.36
C TRP B 99 13.09 10.67 -18.96
N GLN B 100 11.89 11.23 -19.06
CA GLN B 100 11.63 12.54 -18.48
C GLN B 100 11.86 12.46 -16.97
N ALA B 101 12.67 13.39 -16.47
CA ALA B 101 13.11 13.35 -15.09
C ALA B 101 11.90 13.49 -14.18
N PRO B 102 11.89 12.74 -13.06
CA PRO B 102 10.72 12.78 -12.18
C PRO B 102 10.65 14.07 -11.38
N GLN B 103 9.44 14.42 -10.99
CA GLN B 103 9.16 15.50 -10.04
C GLN B 103 10.04 15.40 -8.81
N GLY B 104 10.78 16.46 -8.50
CA GLY B 104 11.56 16.46 -7.27
C GLY B 104 13.05 16.25 -7.52
N SER B 105 13.39 15.76 -8.71
CA SER B 105 14.77 15.58 -9.14
C SER B 105 15.33 16.95 -9.53
N ARG B 106 16.66 17.08 -9.48
CA ARG B 106 17.33 18.26 -9.98
C ARG B 106 18.26 17.74 -11.05
N SER B 107 18.43 18.51 -12.10
CA SER B 107 19.39 18.20 -13.11
C SER B 107 20.74 18.83 -12.78
N LEU B 108 21.79 18.16 -13.19
CA LEU B 108 23.12 18.73 -13.17
C LEU B 108 23.21 19.74 -14.30
N THR B 109 24.09 20.71 -14.12
CA THR B 109 24.35 21.71 -15.13
C THR B 109 25.50 21.17 -15.96
N PRO B 110 25.36 21.10 -17.30
CA PRO B 110 26.46 20.59 -18.14
C PRO B 110 27.72 21.44 -18.08
N CYS B 111 28.87 20.81 -18.15
CA CYS B 111 30.07 21.57 -18.08
C CYS B 111 30.47 22.29 -19.34
N THR B 112 30.89 23.52 -19.13
CA THR B 112 31.51 24.35 -20.15
C THR B 112 32.92 24.77 -19.70
N CYS B 113 33.33 24.25 -18.54
CA CYS B 113 34.64 24.52 -17.97
C CYS B 113 35.70 24.14 -18.99
N GLY B 114 35.35 23.18 -19.83
CA GLY B 114 36.31 22.61 -20.74
C GLY B 114 37.39 21.78 -20.04
N SER B 115 37.23 21.53 -18.74
CA SER B 115 38.28 20.84 -17.99
C SER B 115 38.56 19.39 -18.44
N SER B 116 39.80 18.95 -18.19
CA SER B 116 40.19 17.59 -18.48
C SER B 116 40.41 16.86 -17.17
N ASP B 117 40.31 17.58 -16.06
CA ASP B 117 40.36 16.98 -14.73
C ASP B 117 38.94 16.70 -14.29
N LEU B 118 38.54 15.46 -14.45
CA LEU B 118 37.17 15.04 -14.24
C LEU B 118 37.09 14.19 -13.01
N TYR B 119 35.86 13.95 -12.55
CA TYR B 119 35.57 13.19 -11.33
C TYR B 119 34.37 12.22 -11.46
N LEU B 120 34.60 10.90 -11.34
CA LEU B 120 33.54 9.87 -11.42
C LEU B 120 32.89 9.52 -10.07
N VAL B 121 31.55 9.47 -10.02
CA VAL B 121 30.81 9.12 -8.79
C VAL B 121 30.25 7.71 -8.92
N THR B 122 30.56 6.88 -7.92
CA THR B 122 30.17 5.49 -7.84
C THR B 122 28.98 5.35 -6.95
N ARG B 123 28.36 4.18 -6.99
CA ARG B 123 27.20 3.90 -6.18
C ARG B 123 27.50 3.92 -4.67
N HIS B 124 28.79 3.99 -4.31
CA HIS B 124 29.21 4.09 -2.91
C HIS B 124 29.46 5.55 -2.58
N ALA B 125 29.15 6.41 -3.54
CA ALA B 125 29.34 7.84 -3.39
C ALA B 125 30.83 8.10 -3.21
N ASP B 126 31.65 7.21 -3.77
CA ASP B 126 33.09 7.48 -3.86
C ASP B 126 33.26 8.40 -5.05
N VAL B 127 34.24 9.29 -4.99
CA VAL B 127 34.59 10.25 -6.04
C VAL B 127 35.99 9.92 -6.55
N ILE B 128 36.10 9.58 -7.83
CA ILE B 128 37.33 9.06 -8.41
C ILE B 128 37.88 9.99 -9.49
N PRO B 129 39.08 10.56 -9.28
CA PRO B 129 39.66 11.48 -10.26
C PRO B 129 39.94 10.77 -11.56
N VAL B 130 39.51 11.42 -12.64
CA VAL B 130 39.72 10.95 -14.00
C VAL B 130 40.43 12.05 -14.77
N ARG B 131 41.36 11.65 -15.62
CA ARG B 131 42.00 12.60 -16.51
C ARG B 131 41.42 12.33 -17.87
N ARG B 132 40.78 13.35 -18.43
CA ARG B 132 40.11 13.25 -19.70
C ARG B 132 41.06 12.91 -20.87
N ARG B 133 40.69 11.90 -21.66
CA ARG B 133 41.44 11.49 -22.86
C ARG B 133 40.49 11.56 -24.07
N GLY B 134 40.60 12.58 -24.91
CA GLY B 134 39.70 12.72 -26.03
C GLY B 134 38.36 13.19 -25.51
N ASP B 135 37.28 12.81 -26.14
CA ASP B 135 36.01 13.33 -25.67
C ASP B 135 35.10 12.44 -24.88
N SER B 136 35.27 11.14 -25.02
CA SER B 136 34.35 10.20 -24.37
C SER B 136 35.15 9.29 -23.48
N ARG B 137 36.44 9.53 -23.35
CA ARG B 137 37.34 8.61 -22.63
C ARG B 137 38.04 9.34 -21.47
N GLY B 138 38.29 8.61 -20.36
CA GLY B 138 39.07 9.11 -19.23
C GLY B 138 40.00 8.06 -18.61
N SER B 139 41.24 8.43 -18.27
CA SER B 139 42.17 7.51 -17.61
C SER B 139 42.05 7.65 -16.08
N LEU B 140 42.05 6.50 -15.40
CA LEU B 140 42.04 6.46 -13.97
C LEU B 140 43.47 6.62 -13.44
N LEU B 141 43.61 7.33 -12.33
CA LEU B 141 44.90 7.48 -11.70
C LEU B 141 45.31 6.20 -10.97
N SER B 142 44.37 5.66 -10.21
CA SER B 142 44.52 4.36 -9.57
C SER B 142 43.60 3.41 -10.33
N PRO B 143 44.15 2.31 -10.89
CA PRO B 143 43.36 1.24 -11.53
C PRO B 143 42.46 0.50 -10.54
N ARG B 144 41.28 0.05 -10.96
CA ARG B 144 40.32 -0.50 -10.03
C ARG B 144 39.73 -1.81 -10.49
N PRO B 145 39.38 -2.65 -9.52
CA PRO B 145 38.67 -3.87 -9.88
C PRO B 145 37.32 -3.59 -10.51
N ILE B 146 37.11 -4.31 -11.58
CA ILE B 146 35.91 -4.27 -12.36
C ILE B 146 34.66 -4.29 -11.49
N SER B 147 34.68 -5.16 -10.49
CA SER B 147 33.52 -5.41 -9.65
C SER B 147 33.37 -4.33 -8.57
N TYR B 148 34.38 -3.49 -8.41
CA TYR B 148 34.24 -2.32 -7.56
C TYR B 148 33.39 -1.23 -8.24
N LEU B 149 33.49 -1.19 -9.57
CA LEU B 149 32.81 -0.23 -10.44
C LEU B 149 31.57 -0.75 -11.06
N LYS B 150 31.37 -2.04 -10.99
CA LYS B 150 30.12 -2.61 -11.45
C LYS B 150 29.03 -2.00 -10.58
N GLY B 151 27.94 -1.59 -11.23
CA GLY B 151 26.80 -0.98 -10.57
C GLY B 151 26.81 0.53 -10.59
N SER B 152 27.83 1.11 -11.20
CA SER B 152 27.96 2.55 -11.21
C SER B 152 27.76 3.14 -12.64
N SER B 153 27.59 2.30 -13.65
CA SER B 153 27.28 2.81 -14.99
C SER B 153 25.93 3.53 -14.89
N GLY B 154 25.75 4.57 -15.69
CA GLY B 154 24.56 5.39 -15.64
C GLY B 154 24.80 6.54 -14.67
N GLY B 155 25.95 6.50 -14.01
CA GLY B 155 26.33 7.53 -13.08
C GLY B 155 27.12 8.58 -13.80
N PRO B 156 27.37 9.71 -13.13
CA PRO B 156 27.90 10.92 -13.76
C PRO B 156 29.40 10.99 -13.72
N LEU B 157 29.96 11.68 -14.71
CA LEU B 157 31.31 12.22 -14.62
C LEU B 157 31.22 13.72 -14.52
N LEU B 158 31.89 14.30 -13.51
CA LEU B 158 31.78 15.73 -13.16
C LEU B 158 33.05 16.52 -13.41
N CYS B 159 32.92 17.84 -13.55
CA CYS B 159 34.06 18.74 -13.61
C CYS B 159 34.26 19.40 -12.25
N PRO B 160 35.42 20.04 -12.07
CA PRO B 160 35.75 20.65 -10.78
C PRO B 160 34.70 21.64 -10.33
N ALA B 161 33.95 22.23 -11.26
CA ALA B 161 32.92 23.18 -10.89
C ALA B 161 31.67 22.42 -10.44
N GLY B 162 31.69 21.11 -10.71
CA GLY B 162 30.61 20.21 -10.39
C GLY B 162 29.63 20.10 -11.54
N HIS B 163 30.03 20.55 -12.71
CA HIS B 163 29.20 20.44 -13.91
C HIS B 163 29.30 19.03 -14.51
N ALA B 164 28.25 18.60 -15.21
CA ALA B 164 28.23 17.26 -15.86
C ALA B 164 28.92 17.20 -17.22
N VAL B 165 29.82 16.23 -17.36
CA VAL B 165 30.63 16.05 -18.57
C VAL B 165 30.17 14.83 -19.38
N GLY B 166 29.56 13.85 -18.70
CA GLY B 166 29.02 12.67 -19.34
C GLY B 166 28.52 11.58 -18.39
N ILE B 167 28.09 10.47 -18.96
CA ILE B 167 27.45 9.38 -18.22
C ILE B 167 28.32 8.15 -18.30
N PHE B 168 28.63 7.56 -17.16
CA PHE B 168 29.49 6.35 -17.06
C PHE B 168 28.87 5.22 -17.88
N ARG B 169 29.64 4.65 -18.79
CA ARG B 169 29.12 3.63 -19.70
C ARG B 169 29.83 2.27 -19.67
N THR B 170 31.15 2.31 -19.89
CA THR B 170 32.03 1.18 -20.03
C THR B 170 33.32 1.27 -19.24
N ALA B 171 33.72 0.18 -18.58
CA ALA B 171 34.98 0.18 -17.86
C ALA B 171 35.98 -0.50 -18.75
N VAL B 172 37.18 0.06 -18.87
CA VAL B 172 38.14 -0.54 -19.78
C VAL B 172 38.96 -1.57 -19.01
N SER B 173 38.47 -2.80 -18.98
CA SER B 173 38.96 -3.77 -18.01
C SER B 173 39.83 -4.82 -18.70
N THR B 174 41.08 -4.88 -18.31
CA THR B 174 42.02 -5.86 -18.81
C THR B 174 42.43 -6.69 -17.60
N ARG B 175 42.34 -8.01 -17.71
CA ARG B 175 42.68 -8.86 -16.60
C ARG B 175 42.04 -8.37 -15.28
N GLY B 176 40.74 -8.08 -15.26
CA GLY B 176 40.07 -7.70 -14.03
C GLY B 176 40.34 -6.29 -13.55
N VAL B 177 41.06 -5.53 -14.36
CA VAL B 177 41.40 -4.19 -13.95
C VAL B 177 41.16 -3.09 -14.98
N ALA B 178 40.44 -2.07 -14.53
CA ALA B 178 40.16 -0.88 -15.33
C ALA B 178 41.24 0.20 -15.14
N LYS B 179 41.97 0.57 -16.19
CA LYS B 179 42.97 1.65 -16.10
C LYS B 179 42.29 2.94 -16.56
N ALA B 180 41.14 2.76 -17.22
CA ALA B 180 40.41 3.84 -17.86
C ALA B 180 38.91 3.50 -17.94
N VAL B 181 38.14 4.53 -18.26
CA VAL B 181 36.70 4.47 -18.37
C VAL B 181 36.15 5.15 -19.62
N ASP B 182 34.94 4.77 -20.02
CA ASP B 182 34.26 5.45 -21.13
C ASP B 182 32.88 6.01 -20.71
N PHE B 183 32.57 7.19 -21.20
CA PHE B 183 31.34 7.85 -20.82
C PHE B 183 30.65 8.43 -22.06
N ILE B 184 29.35 8.56 -21.96
CA ILE B 184 28.58 9.26 -22.97
C ILE B 184 28.67 10.78 -22.64
N PRO B 185 29.33 11.57 -23.52
CA PRO B 185 29.48 13.00 -23.24
C PRO B 185 28.17 13.72 -23.36
N VAL B 186 28.07 14.87 -22.73
CA VAL B 186 26.85 15.66 -22.77
C VAL B 186 26.47 16.13 -24.19
N GLU B 187 27.45 16.37 -25.05
CA GLU B 187 27.15 16.78 -26.41
C GLU B 187 26.31 15.74 -27.17
N SER B 188 26.53 14.45 -26.95
CA SER B 188 25.74 13.40 -27.59
C SER B 188 24.34 13.32 -27.03
N LEU B 189 24.20 13.70 -25.76
CA LEU B 189 22.91 13.79 -25.08
C LEU B 189 22.11 14.87 -25.73
N GLU B 190 22.77 16.00 -25.94
CA GLU B 190 22.18 17.14 -26.65
C GLU B 190 21.79 16.79 -28.06
N THR B 191 22.73 16.19 -28.78
CA THR B 191 22.49 15.78 -30.14
C THR B 191 21.32 14.85 -30.19
N THR B 192 21.25 13.92 -29.25
CA THR B 192 20.13 13.01 -29.18
C THR B 192 18.83 13.75 -28.92
N MET B 193 18.91 14.80 -28.13
CA MET B 193 17.74 15.65 -27.91
C MET B 193 17.29 16.57 -29.10
N ARG B 194 18.24 17.10 -29.87
CA ARG B 194 17.95 17.95 -31.03
C ARG B 194 16.97 17.27 -31.97
N LYS C 1 -40.67 -26.80 -17.04
CA LYS C 1 -41.22 -26.27 -15.80
C LYS C 1 -40.12 -26.08 -14.73
N LYS C 2 -38.99 -26.78 -14.89
CA LYS C 2 -37.90 -26.78 -13.90
C LYS C 2 -36.55 -26.28 -14.45
N LYS C 3 -35.53 -26.24 -13.57
CA LYS C 3 -34.26 -25.63 -13.97
C LYS C 3 -33.23 -26.63 -14.44
N GLY C 4 -32.44 -26.21 -15.43
CA GLY C 4 -31.57 -27.11 -16.15
C GLY C 4 -30.16 -27.18 -15.65
N SER C 5 -29.35 -27.88 -16.46
CA SER C 5 -27.97 -28.15 -16.15
C SER C 5 -27.15 -27.03 -16.74
N VAL C 6 -26.01 -26.82 -16.12
CA VAL C 6 -25.00 -25.94 -16.67
C VAL C 6 -24.41 -26.61 -17.90
N VAL C 7 -24.18 -25.83 -18.93
CA VAL C 7 -23.72 -26.35 -20.19
C VAL C 7 -22.40 -25.75 -20.60
N ILE C 8 -21.48 -26.62 -20.99
CA ILE C 8 -20.24 -26.16 -21.58
C ILE C 8 -20.53 -25.74 -23.00
N VAL C 9 -20.17 -24.49 -23.27
CA VAL C 9 -20.41 -23.86 -24.55
C VAL C 9 -19.07 -23.34 -25.13
N GLY C 10 -17.97 -23.61 -24.43
CA GLY C 10 -16.66 -23.29 -24.92
C GLY C 10 -15.48 -23.60 -23.99
N ARG C 11 -14.31 -23.16 -24.41
CA ARG C 11 -13.12 -23.39 -23.62
C ARG C 11 -12.15 -22.26 -23.83
N ILE C 12 -11.33 -22.01 -22.83
CA ILE C 12 -10.23 -21.09 -22.96
C ILE C 12 -8.97 -21.97 -22.92
N ASN C 13 -8.24 -22.00 -24.02
CA ASN C 13 -7.05 -22.82 -24.14
C ASN C 13 -5.83 -22.05 -23.65
N LEU C 14 -5.02 -22.74 -22.85
CA LEU C 14 -3.81 -22.17 -22.24
C LEU C 14 -2.58 -22.96 -22.62
N SER C 15 -2.75 -23.91 -23.54
CA SER C 15 -1.78 -24.97 -23.77
C SER C 15 -0.54 -24.41 -24.43
N GLY C 16 -0.70 -23.37 -25.23
CA GLY C 16 0.41 -22.78 -25.96
C GLY C 16 0.74 -21.32 -25.77
N ASP C 17 1.77 -20.90 -26.50
CA ASP C 17 2.29 -19.55 -26.46
C ASP C 17 1.23 -18.47 -26.30
N THR C 18 0.02 -18.73 -26.75
CA THR C 18 -1.07 -17.77 -26.62
C THR C 18 -2.38 -18.41 -26.21
N ALA C 19 -3.08 -17.69 -25.35
CA ALA C 19 -4.36 -18.12 -24.81
C ALA C 19 -5.35 -17.98 -25.93
N TYR C 20 -6.28 -18.92 -26.05
CA TYR C 20 -7.28 -18.72 -27.08
C TYR C 20 -8.62 -19.25 -26.67
N ALA C 21 -9.63 -18.44 -26.90
CA ALA C 21 -10.96 -18.76 -26.46
C ALA C 21 -11.67 -19.38 -27.64
N GLN C 22 -12.48 -20.37 -27.34
CA GLN C 22 -13.26 -21.07 -28.34
C GLN C 22 -14.68 -21.35 -27.93
N GLN C 23 -15.57 -21.31 -28.93
CA GLN C 23 -16.98 -21.55 -28.75
C GLN C 23 -17.29 -22.87 -29.48
N THR C 24 -18.10 -23.71 -28.85
CA THR C 24 -18.22 -25.12 -29.23
C THR C 24 -19.67 -25.51 -29.45
N ARG C 25 -20.57 -24.67 -28.96
CA ARG C 25 -21.99 -24.95 -28.94
C ARG C 25 -22.72 -23.61 -29.03
N GLY C 26 -23.92 -23.61 -29.62
CA GLY C 26 -24.72 -22.40 -29.71
C GLY C 26 -25.94 -22.40 -28.81
N GLU C 27 -26.79 -21.39 -29.00
CA GLU C 27 -27.95 -21.17 -28.13
C GLU C 27 -28.94 -22.32 -28.19
N GLU C 28 -29.12 -22.91 -29.38
CA GLU C 28 -30.05 -24.01 -29.57
C GLU C 28 -29.54 -25.20 -28.79
N GLY C 29 -28.27 -25.51 -29.03
CA GLY C 29 -27.60 -26.58 -28.35
C GLY C 29 -27.61 -26.36 -26.85
N CYS C 30 -27.35 -25.12 -26.42
CA CYS C 30 -27.30 -24.80 -25.00
C CYS C 30 -28.66 -24.90 -24.31
N GLN C 31 -29.71 -24.33 -24.91
CA GLN C 31 -31.06 -24.42 -24.35
C GLN C 31 -31.54 -25.86 -24.32
N GLU C 32 -31.23 -26.61 -25.35
CA GLU C 32 -31.64 -27.99 -25.42
C GLU C 32 -30.88 -28.82 -24.40
N THR C 33 -29.58 -28.64 -24.36
CA THR C 33 -28.67 -29.40 -23.49
C THR C 33 -28.82 -29.07 -21.99
N SER C 34 -29.09 -27.82 -21.64
CA SER C 34 -29.40 -27.53 -20.25
C SER C 34 -30.65 -28.31 -19.88
N GLN C 35 -31.52 -28.56 -20.86
CA GLN C 35 -32.78 -29.24 -20.58
C GLN C 35 -32.59 -30.79 -20.52
N THR C 36 -31.84 -31.36 -21.46
CA THR C 36 -31.54 -32.82 -21.41
C THR C 36 -30.59 -33.25 -20.31
N GLY C 37 -29.61 -32.43 -19.97
CA GLY C 37 -28.57 -32.82 -19.03
C GLY C 37 -27.58 -33.76 -19.72
N ARG C 38 -27.80 -33.98 -21.02
CA ARG C 38 -27.03 -34.93 -21.83
C ARG C 38 -26.21 -34.18 -22.85
N ASP C 39 -24.91 -34.27 -22.66
CA ASP C 39 -23.93 -33.60 -23.49
C ASP C 39 -22.91 -34.65 -23.99
N LYS C 40 -23.09 -35.12 -25.23
CA LYS C 40 -22.23 -36.17 -25.76
C LYS C 40 -21.01 -35.55 -26.39
N ASN C 41 -20.80 -34.27 -26.12
CA ASN C 41 -19.68 -33.55 -26.72
C ASN C 41 -18.33 -33.83 -26.05
N GLN C 42 -17.29 -33.80 -26.88
CA GLN C 42 -15.90 -33.91 -26.44
C GLN C 42 -15.52 -32.71 -25.57
N VAL C 43 -14.78 -32.95 -24.49
CA VAL C 43 -14.24 -31.88 -23.62
C VAL C 43 -12.70 -31.84 -23.66
N GLU C 44 -12.09 -30.65 -23.63
CA GLU C 44 -10.63 -30.56 -23.57
C GLU C 44 -10.28 -29.37 -22.71
N GLY C 45 -9.05 -29.36 -22.21
CA GLY C 45 -8.50 -28.20 -21.54
C GLY C 45 -8.76 -28.10 -20.06
N GLU C 46 -8.21 -27.02 -19.49
CA GLU C 46 -8.27 -26.73 -18.05
C GLU C 46 -9.33 -25.68 -17.69
N VAL C 47 -9.61 -24.73 -18.57
CA VAL C 47 -10.71 -23.81 -18.37
C VAL C 47 -11.90 -24.11 -19.29
N GLN C 48 -13.11 -24.09 -18.75
CA GLN C 48 -14.36 -24.23 -19.52
C GLN C 48 -15.24 -22.95 -19.48
N ILE C 49 -15.87 -22.61 -20.62
CA ILE C 49 -16.88 -21.56 -20.68
C ILE C 49 -18.26 -22.20 -20.55
N VAL C 50 -19.03 -21.73 -19.59
CA VAL C 50 -20.21 -22.46 -19.18
C VAL C 50 -21.40 -21.52 -19.13
N SER C 51 -22.56 -22.05 -19.45
CA SER C 51 -23.81 -21.30 -19.49
C SER C 51 -25.01 -22.07 -18.95
N THR C 52 -25.80 -21.36 -18.17
CA THR C 52 -27.16 -21.74 -17.81
C THR C 52 -28.11 -21.09 -18.80
N ALA C 53 -29.39 -21.02 -18.45
CA ALA C 53 -30.38 -20.31 -19.25
C ALA C 53 -30.27 -18.78 -19.17
N THR C 54 -29.68 -18.27 -18.11
CA THR C 54 -29.64 -16.85 -17.94
C THR C 54 -28.26 -16.20 -17.81
N GLN C 55 -27.25 -16.99 -17.49
CA GLN C 55 -25.92 -16.44 -17.27
C GLN C 55 -24.85 -17.29 -17.92
N THR C 56 -23.78 -16.64 -18.34
CA THR C 56 -22.62 -17.30 -18.90
C THR C 56 -21.40 -16.80 -18.15
N PHE C 57 -20.52 -17.74 -17.77
CA PHE C 57 -19.34 -17.47 -16.97
C PHE C 57 -18.32 -18.58 -17.29
N LEU C 58 -17.30 -18.73 -16.45
CA LEU C 58 -16.26 -19.75 -16.61
C LEU C 58 -16.31 -20.81 -15.50
N ALA C 59 -15.61 -21.90 -15.75
CA ALA C 59 -15.33 -22.91 -14.75
C ALA C 59 -13.90 -23.37 -14.96
N THR C 60 -13.24 -23.80 -13.89
CA THR C 60 -11.82 -24.17 -13.98
C THR C 60 -11.54 -25.48 -13.23
N SER C 61 -10.82 -26.40 -13.87
CA SER C 61 -10.49 -27.68 -13.25
CA SER C 61 -10.48 -27.67 -13.24
C SER C 61 -9.15 -27.61 -12.50
N ILE C 62 -9.18 -28.06 -11.25
CA ILE C 62 -8.02 -28.20 -10.34
C ILE C 62 -8.29 -29.46 -9.54
N ASN C 63 -7.30 -30.34 -9.43
CA ASN C 63 -7.44 -31.59 -8.71
C ASN C 63 -8.63 -32.45 -9.14
N GLY C 64 -8.88 -32.60 -10.44
CA GLY C 64 -9.98 -33.45 -10.91
C GLY C 64 -11.38 -32.99 -10.54
N VAL C 65 -11.48 -31.77 -10.04
CA VAL C 65 -12.76 -31.16 -9.73
C VAL C 65 -12.94 -29.92 -10.59
N LEU C 66 -14.09 -29.84 -11.26
CA LEU C 66 -14.40 -28.67 -12.05
C LEU C 66 -15.14 -27.65 -11.16
N TRP C 67 -14.44 -26.55 -10.86
CA TRP C 67 -14.88 -25.57 -9.88
C TRP C 67 -15.49 -24.35 -10.57
N THR C 68 -16.54 -23.78 -9.98
CA THR C 68 -17.01 -22.48 -10.44
C THR C 68 -17.62 -21.75 -9.23
N VAL C 69 -18.24 -20.60 -9.50
CA VAL C 69 -18.88 -19.79 -8.49
C VAL C 69 -20.32 -20.18 -8.31
N TYR C 70 -20.76 -20.22 -7.06
CA TYR C 70 -22.15 -20.50 -6.77
C TYR C 70 -23.09 -19.42 -7.35
N HIS C 71 -22.69 -18.14 -7.28
CA HIS C 71 -23.51 -17.04 -7.81
C HIS C 71 -23.81 -17.27 -9.30
N GLY C 72 -23.01 -18.12 -9.92
CA GLY C 72 -23.26 -18.54 -11.29
C GLY C 72 -24.06 -19.84 -11.43
N ALA C 73 -23.68 -20.88 -10.71
CA ALA C 73 -24.22 -22.22 -10.95
C ALA C 73 -25.37 -22.56 -9.99
N GLY C 74 -25.46 -21.88 -8.84
CA GLY C 74 -26.49 -22.23 -7.89
C GLY C 74 -26.34 -23.66 -7.46
N THR C 75 -27.41 -24.45 -7.53
CA THR C 75 -27.35 -25.86 -7.13
C THR C 75 -27.34 -26.80 -8.33
N ARG C 76 -27.23 -26.23 -9.51
CA ARG C 76 -27.39 -26.97 -10.73
C ARG C 76 -26.41 -28.10 -10.90
N THR C 77 -26.90 -29.12 -11.59
CA THR C 77 -26.08 -30.18 -12.16
C THR C 77 -25.39 -29.71 -13.42
N ILE C 78 -24.42 -30.47 -13.88
CA ILE C 78 -23.75 -30.21 -15.16
C ILE C 78 -24.05 -31.32 -16.15
N ALA C 79 -24.23 -30.95 -17.41
CA ALA C 79 -24.53 -31.90 -18.47
C ALA C 79 -23.33 -32.75 -18.88
N SER C 80 -23.62 -34.03 -19.14
CA SER C 80 -22.63 -35.09 -19.47
C SER C 80 -23.11 -36.11 -20.52
N PRO C 81 -22.18 -36.84 -21.16
CA PRO C 81 -22.59 -37.81 -22.18
C PRO C 81 -23.42 -38.92 -21.60
N LYS C 82 -23.25 -39.11 -20.30
CA LYS C 82 -23.99 -40.09 -19.55
C LYS C 82 -24.99 -39.37 -18.67
N GLY C 83 -25.43 -38.20 -19.12
CA GLY C 83 -26.40 -37.40 -18.40
C GLY C 83 -25.92 -36.44 -17.30
N PRO C 84 -26.87 -35.81 -16.60
CA PRO C 84 -26.61 -34.77 -15.60
C PRO C 84 -25.76 -35.23 -14.42
N VAL C 85 -24.85 -34.37 -13.96
CA VAL C 85 -23.96 -34.71 -12.86
C VAL C 85 -24.21 -33.77 -11.70
N THR C 86 -24.44 -34.35 -10.52
CA THR C 86 -24.72 -33.59 -9.32
C THR C 86 -23.43 -32.99 -8.80
N GLN C 87 -23.53 -31.84 -8.16
CA GLN C 87 -22.37 -31.20 -7.57
C GLN C 87 -21.75 -32.05 -6.46
N MET C 88 -20.43 -32.04 -6.48
CA MET C 88 -19.64 -32.79 -5.56
C MET C 88 -19.34 -31.94 -4.34
N TYR C 89 -19.16 -30.65 -4.57
CA TYR C 89 -18.87 -29.70 -3.51
C TYR C 89 -19.72 -28.47 -3.74
N THR C 90 -20.25 -27.96 -2.66
CA THR C 90 -21.13 -26.78 -2.68
C THR C 90 -20.98 -25.96 -1.37
N ASN C 91 -20.29 -24.81 -1.46
CA ASN C 91 -20.16 -23.85 -0.35
C ASN C 91 -20.56 -22.41 -0.75
N VAL C 92 -21.78 -22.00 -0.43
CA VAL C 92 -22.36 -20.71 -0.89
C VAL C 92 -21.73 -19.50 -0.16
N ASP C 93 -21.29 -19.72 1.07
CA ASP C 93 -20.59 -18.67 1.80
C ASP C 93 -19.21 -18.44 1.23
N LYS C 94 -18.76 -19.33 0.38
CA LYS C 94 -17.50 -19.13 -0.30
C LYS C 94 -17.80 -18.82 -1.77
N ASP C 95 -19.07 -18.96 -2.18
CA ASP C 95 -19.51 -18.74 -3.54
C ASP C 95 -18.82 -19.76 -4.40
N LEU C 96 -18.78 -20.97 -3.89
CA LEU C 96 -18.09 -22.02 -4.58
C LEU C 96 -18.83 -23.30 -4.80
N VAL C 97 -18.76 -23.77 -6.03
CA VAL C 97 -19.26 -25.11 -6.36
C VAL C 97 -18.22 -25.92 -7.11
N GLY C 98 -18.36 -27.24 -7.05
CA GLY C 98 -17.45 -28.12 -7.72
C GLY C 98 -18.18 -29.38 -8.16
N TRP C 99 -18.00 -29.75 -9.42
CA TRP C 99 -18.45 -31.04 -9.89
C TRP C 99 -17.29 -31.97 -10.16
N GLN C 100 -17.59 -33.25 -10.21
CA GLN C 100 -16.59 -34.16 -10.67
C GLN C 100 -16.27 -33.74 -12.08
N ALA C 101 -14.97 -33.61 -12.32
CA ALA C 101 -14.45 -33.09 -13.56
C ALA C 101 -14.88 -34.03 -14.68
N PRO C 102 -15.18 -33.48 -15.87
CA PRO C 102 -15.65 -34.34 -16.96
C PRO C 102 -14.54 -35.14 -17.65
N GLN C 103 -14.89 -36.27 -18.26
CA GLN C 103 -14.01 -37.00 -19.17
C GLN C 103 -13.37 -36.06 -20.21
N GLY C 104 -12.05 -35.99 -20.24
CA GLY C 104 -11.32 -35.25 -21.27
C GLY C 104 -10.71 -33.94 -20.80
N SER C 105 -11.18 -33.43 -19.66
CA SER C 105 -10.60 -32.22 -19.08
C SER C 105 -9.25 -32.49 -18.40
N ARG C 106 -8.41 -31.46 -18.32
CA ARG C 106 -7.14 -31.53 -17.61
C ARG C 106 -7.21 -30.49 -16.50
N SER C 107 -6.63 -30.83 -15.37
CA SER C 107 -6.55 -29.94 -14.27
C SER C 107 -5.25 -29.18 -14.34
N LEU C 108 -5.31 -27.94 -13.88
CA LEU C 108 -4.13 -27.11 -13.67
C LEU C 108 -3.38 -27.59 -12.43
N THR C 109 -2.08 -27.35 -12.40
CA THR C 109 -1.28 -27.70 -11.25
C THR C 109 -1.32 -26.50 -10.30
N PRO C 110 -1.57 -26.76 -9.00
CA PRO C 110 -1.60 -25.68 -8.01
C PRO C 110 -0.27 -25.00 -7.91
N CYS C 111 -0.30 -23.73 -7.57
CA CYS C 111 0.91 -22.96 -7.46
C CYS C 111 1.63 -23.32 -6.19
N THR C 112 2.91 -23.62 -6.36
CA THR C 112 3.88 -23.74 -5.29
C THR C 112 4.97 -22.72 -5.51
N CYS C 113 4.79 -21.91 -6.56
CA CYS C 113 5.68 -20.82 -6.91
C CYS C 113 5.76 -19.81 -5.78
N GLY C 114 4.68 -19.70 -5.02
CA GLY C 114 4.62 -18.69 -3.99
C GLY C 114 4.59 -17.28 -4.59
N SER C 115 4.50 -17.18 -5.91
CA SER C 115 4.61 -15.88 -6.56
C SER C 115 3.46 -14.94 -6.20
N SER C 116 3.76 -13.64 -6.22
CA SER C 116 2.77 -12.61 -5.97
C SER C 116 2.49 -11.87 -7.25
N ASP C 117 3.19 -12.27 -8.31
CA ASP C 117 2.96 -11.75 -9.64
C ASP C 117 2.03 -12.71 -10.37
N LEU C 118 0.75 -12.39 -10.42
CA LEU C 118 -0.28 -13.26 -10.95
C LEU C 118 -0.94 -12.79 -12.19
N TYR C 119 -1.68 -13.70 -12.80
CA TYR C 119 -2.31 -13.45 -14.10
C TYR C 119 -3.74 -13.95 -14.22
N LEU C 120 -4.65 -13.01 -14.43
CA LEU C 120 -6.06 -13.34 -14.58
C LEU C 120 -6.40 -13.65 -16.06
N VAL C 121 -7.15 -14.72 -16.30
CA VAL C 121 -7.54 -15.13 -17.64
C VAL C 121 -9.02 -14.79 -17.81
N THR C 122 -9.38 -14.03 -18.85
CA THR C 122 -10.75 -13.62 -19.08
C THR C 122 -11.39 -14.55 -20.07
N ARG C 123 -12.71 -14.50 -20.19
CA ARG C 123 -13.42 -15.30 -21.17
C ARG C 123 -13.08 -14.91 -22.64
N HIS C 124 -12.38 -13.79 -22.82
CA HIS C 124 -11.90 -13.36 -24.15
C HIS C 124 -10.45 -13.79 -24.33
N ALA C 125 -9.96 -14.59 -23.37
CA ALA C 125 -8.61 -15.12 -23.38
C ALA C 125 -7.61 -13.99 -23.25
N ASP C 126 -8.02 -12.90 -22.61
CA ASP C 126 -7.08 -11.83 -22.30
C ASP C 126 -6.32 -12.19 -21.02
N VAL C 127 -5.04 -11.79 -20.91
CA VAL C 127 -4.22 -12.08 -19.71
C VAL C 127 -3.87 -10.82 -18.98
N ILE C 128 -4.37 -10.71 -17.77
CA ILE C 128 -4.28 -9.45 -17.09
C ILE C 128 -3.36 -9.58 -15.89
N PRO C 129 -2.25 -8.86 -15.92
CA PRO C 129 -1.35 -8.93 -14.77
C PRO C 129 -2.05 -8.44 -13.52
N VAL C 130 -1.91 -9.23 -12.47
CA VAL C 130 -2.42 -8.91 -11.15
C VAL C 130 -1.25 -9.05 -10.20
N ARG C 131 -1.17 -8.17 -9.22
CA ARG C 131 -0.16 -8.26 -8.18
C ARG C 131 -0.87 -8.75 -6.96
N ARG C 132 -0.43 -9.91 -6.44
CA ARG C 132 -1.04 -10.52 -5.25
C ARG C 132 -1.01 -9.62 -3.97
N ARG C 133 -2.18 -9.50 -3.34
CA ARG C 133 -2.36 -8.67 -2.14
C ARG C 133 -2.83 -9.45 -0.93
N GLY C 134 -2.12 -10.50 -0.58
CA GLY C 134 -2.43 -11.22 0.61
C GLY C 134 -2.89 -12.58 0.24
N ASP C 135 -3.80 -13.06 1.08
CA ASP C 135 -4.46 -14.35 0.94
C ASP C 135 -5.14 -14.50 -0.42
N SER C 136 -6.12 -13.65 -0.69
CA SER C 136 -7.18 -13.91 -1.64
CA SER C 136 -7.19 -13.90 -1.65
C SER C 136 -7.41 -12.74 -2.59
N ARG C 137 -6.53 -11.76 -2.53
CA ARG C 137 -6.73 -10.47 -3.18
C ARG C 137 -5.61 -10.20 -4.16
N GLY C 138 -5.97 -9.50 -5.25
CA GLY C 138 -5.01 -9.02 -6.23
C GLY C 138 -5.32 -7.62 -6.77
N SER C 139 -4.31 -6.78 -6.93
CA SER C 139 -4.50 -5.47 -7.54
C SER C 139 -4.14 -5.54 -9.04
N LEU C 140 -5.03 -5.01 -9.87
CA LEU C 140 -4.76 -4.90 -11.27
C LEU C 140 -3.93 -3.67 -11.57
N LEU C 141 -3.08 -3.83 -12.57
CA LEU C 141 -2.19 -2.78 -12.95
C LEU C 141 -2.95 -1.61 -13.62
N SER C 142 -3.83 -1.94 -14.55
CA SER C 142 -4.77 -0.96 -15.12
C SER C 142 -6.16 -1.35 -14.69
N PRO C 143 -6.90 -0.41 -14.09
CA PRO C 143 -8.31 -0.69 -13.77
C PRO C 143 -9.11 -0.99 -15.02
N ARG C 144 -10.12 -1.83 -14.88
CA ARG C 144 -10.90 -2.30 -16.02
C ARG C 144 -12.36 -2.09 -15.73
N PRO C 145 -13.12 -1.84 -16.78
CA PRO C 145 -14.56 -1.74 -16.61
C PRO C 145 -15.22 -3.03 -16.19
N ILE C 146 -16.17 -2.89 -15.28
CA ILE C 146 -16.92 -3.99 -14.74
C ILE C 146 -17.49 -4.91 -15.77
N SER C 147 -18.10 -4.33 -16.79
CA SER C 147 -18.69 -5.09 -17.87
C SER C 147 -17.66 -5.78 -18.75
N TYR C 148 -16.42 -5.32 -18.72
CA TYR C 148 -15.34 -5.99 -19.43
C TYR C 148 -14.99 -7.35 -18.76
N LEU C 149 -15.18 -7.40 -17.43
CA LEU C 149 -14.83 -8.55 -16.58
C LEU C 149 -15.97 -9.44 -16.21
N LYS C 150 -17.20 -8.99 -16.38
CA LYS C 150 -18.34 -9.87 -16.16
C LYS C 150 -18.35 -11.04 -17.12
N GLY C 151 -18.62 -12.22 -16.59
CA GLY C 151 -18.65 -13.43 -17.40
C GLY C 151 -17.36 -14.20 -17.26
N SER C 152 -16.48 -13.69 -16.41
CA SER C 152 -15.18 -14.30 -16.20
C SER C 152 -15.05 -14.89 -14.79
N SER C 153 -16.04 -14.68 -13.93
CA SER C 153 -16.00 -15.36 -12.65
C SER C 153 -16.01 -16.88 -12.90
N GLY C 154 -15.33 -17.61 -12.04
CA GLY C 154 -15.12 -19.04 -12.19
C GLY C 154 -13.82 -19.35 -12.91
N GLY C 155 -13.15 -18.32 -13.40
CA GLY C 155 -11.93 -18.49 -14.17
C GLY C 155 -10.69 -18.50 -13.32
N PRO C 156 -9.53 -18.82 -13.93
CA PRO C 156 -8.33 -19.05 -13.14
C PRO C 156 -7.51 -17.79 -12.87
N LEU C 157 -6.82 -17.74 -11.74
CA LEU C 157 -5.68 -16.85 -11.57
C LEU C 157 -4.42 -17.68 -11.53
N LEU C 158 -3.43 -17.29 -12.31
CA LEU C 158 -2.24 -18.07 -12.46
C LEU C 158 -1.05 -17.39 -11.83
N CYS C 159 -0.03 -18.20 -11.56
CA CYS C 159 1.29 -17.72 -11.21
C CYS C 159 2.06 -17.77 -12.53
N PRO C 160 3.26 -17.19 -12.55
CA PRO C 160 4.08 -17.15 -13.76
C PRO C 160 4.38 -18.52 -14.37
N ALA C 161 4.43 -19.55 -13.56
CA ALA C 161 4.77 -20.88 -14.04
C ALA C 161 3.57 -21.49 -14.73
N GLY C 162 2.45 -20.78 -14.66
CA GLY C 162 1.21 -21.26 -15.22
C GLY C 162 0.49 -22.12 -14.20
N HIS C 163 0.93 -22.10 -12.94
CA HIS C 163 0.25 -22.87 -11.89
C HIS C 163 -1.00 -22.19 -11.44
N ALA C 164 -1.92 -22.96 -10.90
CA ALA C 164 -3.18 -22.39 -10.43
C ALA C 164 -2.98 -21.78 -9.06
N VAL C 165 -3.40 -20.52 -8.89
CA VAL C 165 -3.27 -19.80 -7.60
C VAL C 165 -4.63 -19.61 -6.91
N GLY C 166 -5.70 -19.53 -7.70
CA GLY C 166 -7.04 -19.43 -7.14
C GLY C 166 -8.11 -19.20 -8.19
N ILE C 167 -9.35 -19.05 -7.76
CA ILE C 167 -10.51 -18.94 -8.66
C ILE C 167 -11.14 -17.56 -8.57
N PHE C 168 -11.23 -16.87 -9.72
CA PHE C 168 -11.81 -15.52 -9.81
C PHE C 168 -13.26 -15.51 -9.28
N ARG C 169 -13.51 -14.68 -8.28
CA ARG C 169 -14.80 -14.65 -7.58
C ARG C 169 -15.59 -13.33 -7.65
N THR C 170 -14.92 -12.30 -7.20
CA THR C 170 -15.47 -11.00 -7.04
C THR C 170 -14.58 -9.94 -7.59
N ALA C 171 -15.21 -8.97 -8.23
CA ALA C 171 -14.49 -7.82 -8.75
C ALA C 171 -14.78 -6.63 -7.80
N VAL C 172 -13.73 -5.89 -7.42
CA VAL C 172 -13.87 -4.77 -6.49
C VAL C 172 -14.13 -3.51 -7.29
N SER C 173 -15.40 -3.25 -7.56
CA SER C 173 -15.76 -2.22 -8.52
C SER C 173 -16.32 -1.06 -7.71
N THR C 174 -15.70 0.09 -7.97
CA THR C 174 -16.07 1.36 -7.39
C THR C 174 -16.25 2.25 -8.62
N ARG C 175 -17.42 2.85 -8.74
CA ARG C 175 -17.80 3.67 -9.89
C ARG C 175 -17.52 3.02 -11.26
N GLY C 176 -17.92 1.76 -11.42
CA GLY C 176 -17.83 1.05 -12.69
C GLY C 176 -16.46 0.53 -13.10
N VAL C 177 -15.45 0.74 -12.26
CA VAL C 177 -14.08 0.31 -12.56
C VAL C 177 -13.50 -0.53 -11.41
N ALA C 178 -13.03 -1.72 -11.76
CA ALA C 178 -12.32 -2.59 -10.83
C ALA C 178 -10.82 -2.24 -10.85
N LYS C 179 -10.27 -1.85 -9.69
CA LYS C 179 -8.85 -1.60 -9.55
C LYS C 179 -8.23 -2.91 -9.01
N ALA C 180 -9.12 -3.83 -8.56
CA ALA C 180 -8.73 -5.07 -7.91
C ALA C 180 -9.74 -6.24 -8.06
N VAL C 181 -9.25 -7.43 -7.80
CA VAL C 181 -10.05 -8.66 -7.87
C VAL C 181 -9.85 -9.53 -6.62
N ASP C 182 -10.82 -10.42 -6.39
CA ASP C 182 -10.77 -11.34 -5.27
C ASP C 182 -10.99 -12.75 -5.85
N PHE C 183 -10.33 -13.72 -5.24
CA PHE C 183 -10.37 -15.08 -5.70
C PHE C 183 -10.40 -16.04 -4.52
N ILE C 184 -10.95 -17.21 -4.76
CA ILE C 184 -10.93 -18.30 -3.83
C ILE C 184 -9.57 -19.01 -3.98
N PRO C 185 -8.73 -18.98 -2.92
CA PRO C 185 -7.40 -19.59 -3.07
C PRO C 185 -7.49 -21.12 -3.08
N VAL C 186 -6.55 -21.77 -3.75
CA VAL C 186 -6.53 -23.23 -3.85
C VAL C 186 -6.53 -23.90 -2.47
N GLU C 187 -5.93 -23.22 -1.52
CA GLU C 187 -5.86 -23.75 -0.19
C GLU C 187 -7.24 -24.09 0.31
N SER C 188 -8.20 -23.21 0.00
CA SER C 188 -9.59 -23.38 0.45
C SER C 188 -10.31 -24.44 -0.33
N LEU C 189 -9.88 -24.66 -1.57
CA LEU C 189 -10.40 -25.75 -2.38
C LEU C 189 -9.99 -27.04 -1.72
N GLU C 190 -8.73 -27.11 -1.34
CA GLU C 190 -8.19 -28.26 -0.64
C GLU C 190 -8.93 -28.47 0.68
N THR C 191 -9.07 -27.42 1.46
CA THR C 191 -9.76 -27.45 2.73
C THR C 191 -11.17 -27.94 2.49
N THR C 192 -11.82 -27.49 1.42
CA THR C 192 -13.20 -27.94 1.13
C THR C 192 -13.17 -29.42 0.79
N MET C 193 -12.14 -29.85 0.07
CA MET C 193 -11.92 -31.25 -0.20
C MET C 193 -11.43 -31.94 1.06
N LYS D 3 -4.76 10.53 25.96
CA LYS D 3 -3.54 11.06 25.36
C LYS D 3 -2.86 10.01 24.48
N GLY D 4 -2.20 10.48 23.42
CA GLY D 4 -1.65 9.62 22.39
C GLY D 4 -0.15 9.41 22.57
N SER D 5 0.44 8.76 21.57
CA SER D 5 1.88 8.41 21.55
C SER D 5 2.80 9.35 20.78
N VAL D 6 4.05 9.38 21.21
CA VAL D 6 5.07 10.03 20.42
C VAL D 6 5.26 9.17 19.18
N VAL D 7 5.34 9.83 18.03
CA VAL D 7 5.42 9.13 16.76
C VAL D 7 6.63 9.57 16.01
N ILE D 8 7.36 8.57 15.52
CA ILE D 8 8.50 8.80 14.66
C ILE D 8 8.04 9.15 13.26
N VAL D 9 8.39 10.35 12.85
CA VAL D 9 7.91 10.94 11.60
C VAL D 9 9.08 11.25 10.71
N GLY D 10 10.28 11.00 11.20
CA GLY D 10 11.46 11.14 10.38
C GLY D 10 12.70 10.75 11.15
N ARG D 11 13.85 10.90 10.49
CA ARG D 11 15.16 10.52 11.00
C ARG D 11 16.28 11.39 10.46
N ILE D 12 17.37 11.52 11.20
CA ILE D 12 18.61 12.15 10.71
C ILE D 12 19.82 11.19 10.65
N ASN D 13 20.30 10.89 9.44
CA ASN D 13 21.44 10.00 9.22
C ASN D 13 22.80 10.74 9.19
N LEU D 14 23.85 10.11 9.74
CA LEU D 14 25.18 10.72 9.85
C LEU D 14 26.22 9.88 9.12
N TYR D 20 22.30 14.36 7.34
CA TYR D 20 21.14 14.58 6.47
C TYR D 20 19.82 14.06 7.05
N ALA D 21 18.79 14.87 6.89
CA ALA D 21 17.47 14.59 7.43
C ALA D 21 16.51 14.05 6.38
N GLN D 22 15.64 13.14 6.81
CA GLN D 22 14.59 12.54 5.97
C GLN D 22 13.29 12.33 6.76
N GLN D 23 12.16 12.46 6.07
CA GLN D 23 10.81 12.32 6.64
C GLN D 23 10.19 11.06 6.09
N THR D 24 9.37 10.42 6.91
CA THR D 24 8.86 9.09 6.61
C THR D 24 7.34 9.08 6.69
N ARG D 25 6.80 10.10 7.33
CA ARG D 25 5.40 10.09 7.70
C ARG D 25 4.93 11.53 7.68
N GLY D 26 3.66 11.71 7.32
CA GLY D 26 3.01 13.01 7.28
C GLY D 26 2.03 13.18 8.42
N GLU D 27 1.25 14.25 8.34
CA GLU D 27 0.35 14.65 9.41
C GLU D 27 -0.71 13.56 9.70
N GLU D 28 -1.21 12.93 8.64
CA GLU D 28 -2.21 11.87 8.77
C GLU D 28 -1.67 10.63 9.50
N GLY D 29 -0.55 10.12 9.00
CA GLY D 29 0.07 8.96 9.60
C GLY D 29 0.40 9.21 11.05
N CYS D 30 0.93 10.38 11.35
CA CYS D 30 1.33 10.76 12.72
C CYS D 30 0.13 10.88 13.66
N GLN D 31 -0.91 11.54 13.18
CA GLN D 31 -2.15 11.64 13.95
C GLN D 31 -2.72 10.24 14.21
N GLU D 32 -2.76 9.40 13.19
CA GLU D 32 -3.27 8.05 13.39
C GLU D 32 -2.40 7.26 14.38
N THR D 33 -1.09 7.25 14.14
CA THR D 33 -0.14 6.46 14.94
C THR D 33 0.08 6.97 16.37
N SER D 34 -0.09 8.28 16.59
CA SER D 34 -0.15 8.78 17.96
C SER D 34 -1.29 8.07 18.67
N GLN D 35 -2.33 7.74 17.91
CA GLN D 35 -3.52 7.03 18.41
C GLN D 35 -3.35 5.51 18.47
N THR D 36 -2.87 4.88 17.41
CA THR D 36 -2.73 3.42 17.44
C THR D 36 -1.59 2.96 18.31
N GLY D 37 -0.48 3.68 18.30
CA GLY D 37 0.72 3.23 18.97
C GLY D 37 1.46 2.18 18.16
N ARG D 38 1.02 1.94 16.92
CA ARG D 38 1.60 0.89 16.04
C ARG D 38 2.28 1.49 14.81
N ASP D 39 3.60 1.34 14.76
CA ASP D 39 4.40 1.85 13.67
C ASP D 39 5.16 0.66 13.11
N LYS D 40 4.63 0.13 12.00
CA LYS D 40 5.22 -1.05 11.39
C LYS D 40 6.29 -0.63 10.42
N ASN D 41 6.70 0.63 10.49
CA ASN D 41 7.74 1.18 9.60
C ASN D 41 9.17 0.88 10.00
N GLN D 42 10.04 0.76 9.01
CA GLN D 42 11.46 0.63 9.26
C GLN D 42 11.98 1.92 9.92
N VAL D 43 12.86 1.72 10.91
CA VAL D 43 13.58 2.80 11.58
C VAL D 43 15.07 2.73 11.25
N GLU D 44 15.74 3.86 11.10
CA GLU D 44 17.20 3.90 10.87
C GLU D 44 17.75 5.21 11.43
N GLY D 45 19.07 5.32 11.51
CA GLY D 45 19.69 6.58 11.86
C GLY D 45 19.92 6.71 13.36
N GLU D 46 20.63 7.77 13.74
CA GLU D 46 21.12 7.94 15.11
C GLU D 46 20.25 8.94 15.89
N VAL D 47 19.73 9.91 15.15
CA VAL D 47 18.73 10.86 15.62
C VAL D 47 17.38 10.55 14.96
N GLN D 48 16.30 10.65 15.73
CA GLN D 48 14.94 10.53 15.22
C GLN D 48 14.16 11.85 15.34
N ILE D 49 13.35 12.15 14.32
CA ILE D 49 12.40 13.26 14.37
C ILE D 49 11.04 12.70 14.82
N VAL D 50 10.49 13.32 15.84
CA VAL D 50 9.36 12.74 16.56
C VAL D 50 8.29 13.79 16.74
N SER D 51 7.04 13.33 16.79
CA SER D 51 5.90 14.21 16.89
C SER D 51 4.86 13.69 17.87
N THR D 52 4.27 14.59 18.65
CA THR D 52 3.00 14.30 19.28
C THR D 52 2.00 14.88 18.28
N ALA D 53 0.75 15.04 18.68
CA ALA D 53 -0.25 15.68 17.81
C ALA D 53 -0.08 17.19 17.71
N THR D 54 0.62 17.80 18.66
CA THR D 54 0.76 19.24 18.76
C THR D 54 2.19 19.66 18.55
N GLN D 55 3.14 18.80 18.91
CA GLN D 55 4.55 19.18 18.91
C GLN D 55 5.45 18.17 18.17
N THR D 56 6.52 18.70 17.60
CA THR D 56 7.49 17.90 16.88
CA THR D 56 7.50 17.90 16.91
C THR D 56 8.89 18.31 17.36
N PHE D 57 9.73 17.34 17.65
CA PHE D 57 11.02 17.59 18.23
C PHE D 57 11.94 16.48 17.81
N LEU D 58 13.07 16.34 18.51
CA LEU D 58 14.04 15.31 18.20
C LEU D 58 14.19 14.31 19.38
N ALA D 59 14.72 13.13 19.08
CA ALA D 59 15.14 12.17 20.10
C ALA D 59 16.41 11.46 19.63
N THR D 60 17.25 11.05 20.56
CA THR D 60 18.55 10.51 20.23
C THR D 60 18.81 9.24 21.05
N SER D 61 19.28 8.18 20.38
CA SER D 61 19.54 6.92 21.04
CA SER D 61 19.56 6.89 21.03
C SER D 61 21.00 6.81 21.57
N ILE D 62 21.14 6.49 22.84
CA ILE D 62 22.44 6.24 23.47
C ILE D 62 22.29 5.05 24.47
N ASN D 63 23.21 4.09 24.43
CA ASN D 63 23.12 2.90 25.28
C ASN D 63 21.81 2.17 25.09
N GLY D 64 21.40 2.01 23.84
CA GLY D 64 20.18 1.31 23.48
C GLY D 64 18.90 1.96 23.97
N VAL D 65 19.03 3.18 24.51
CA VAL D 65 17.87 3.93 24.99
C VAL D 65 17.71 5.18 24.16
N LEU D 66 16.49 5.37 23.69
CA LEU D 66 16.09 6.57 22.97
C LEU D 66 15.60 7.65 23.94
N TRP D 67 16.41 8.71 24.01
CA TRP D 67 16.27 9.81 24.94
C TRP D 67 15.65 11.03 24.26
N THR D 68 14.81 11.73 25.02
CA THR D 68 14.38 13.08 24.61
C THR D 68 13.92 13.88 25.81
N VAL D 69 13.36 15.05 25.51
CA VAL D 69 12.93 15.98 26.54
C VAL D 69 11.51 15.74 27.05
N TYR D 70 11.40 15.88 28.36
CA TYR D 70 10.14 15.76 29.03
C TYR D 70 9.20 16.89 28.64
N HIS D 71 9.71 18.10 28.46
CA HIS D 71 8.84 19.19 28.06
C HIS D 71 8.24 18.95 26.70
N GLY D 72 8.79 17.96 26.00
CA GLY D 72 8.26 17.48 24.75
C GLY D 72 7.40 16.25 24.87
N ALA D 73 7.87 15.23 25.58
CA ALA D 73 7.27 13.92 25.47
C ALA D 73 6.23 13.66 26.53
N GLY D 74 6.32 14.39 27.62
CA GLY D 74 5.51 14.13 28.79
C GLY D 74 5.79 12.72 29.25
N THR D 75 4.71 11.98 29.44
CA THR D 75 4.74 10.57 29.86
C THR D 75 4.35 9.63 28.72
N ARG D 76 4.25 10.15 27.51
CA ARG D 76 3.73 9.36 26.41
C ARG D 76 4.52 8.11 26.13
N THR D 77 3.79 7.11 25.67
CA THR D 77 4.39 5.94 25.08
C THR D 77 4.88 6.38 23.73
N ILE D 78 5.72 5.56 23.15
CA ILE D 78 6.20 5.77 21.81
C ILE D 78 5.62 4.68 20.95
N ALA D 79 5.18 5.03 19.76
CA ALA D 79 4.64 4.02 18.87
C ALA D 79 5.75 3.14 18.28
N SER D 80 5.49 1.83 18.21
CA SER D 80 6.46 0.84 17.73
C SER D 80 5.68 -0.26 17.03
N PRO D 81 6.36 -1.13 16.24
CA PRO D 81 5.68 -2.08 15.36
C PRO D 81 4.83 -3.08 16.11
N LYS D 82 5.19 -3.28 17.38
CA LYS D 82 4.40 -4.14 18.27
C LYS D 82 3.61 -3.28 19.24
N GLY D 83 3.21 -2.10 18.79
CA GLY D 83 2.40 -1.20 19.60
C GLY D 83 3.18 -0.27 20.54
N PRO D 84 2.46 0.52 21.37
CA PRO D 84 3.04 1.59 22.20
C PRO D 84 4.05 1.09 23.22
N VAL D 85 5.13 1.84 23.41
CA VAL D 85 6.17 1.43 24.31
C VAL D 85 6.27 2.44 25.44
N THR D 86 6.18 1.89 26.63
CA THR D 86 6.20 2.62 27.86
C THR D 86 7.61 3.06 28.13
N GLN D 87 7.71 4.16 28.84
CA GLN D 87 8.96 4.71 29.25
C GLN D 87 9.68 3.85 30.21
N MET D 88 11.00 3.85 30.07
CA MET D 88 11.88 3.20 31.03
C MET D 88 12.40 4.18 32.05
N TYR D 89 12.55 5.42 31.59
CA TYR D 89 13.08 6.53 32.37
C TYR D 89 12.20 7.77 32.23
N THR D 90 12.01 8.45 33.34
CA THR D 90 11.23 9.65 33.41
C THR D 90 11.90 10.41 34.51
N ASN D 91 12.67 11.42 34.16
CA ASN D 91 13.22 12.28 35.15
C ASN D 91 12.93 13.76 34.94
N VAL D 92 11.97 14.26 35.69
CA VAL D 92 11.44 15.60 35.48
C VAL D 92 12.41 16.72 35.92
N ASP D 93 13.24 16.44 36.92
CA ASP D 93 14.27 17.40 37.36
C ASP D 93 15.42 17.58 36.41
N LYS D 94 15.46 16.73 35.41
CA LYS D 94 16.34 16.87 34.28
C LYS D 94 15.60 17.15 32.98
N ASP D 95 14.27 17.18 32.99
CA ASP D 95 13.45 17.30 31.77
C ASP D 95 13.72 16.14 30.83
N LEU D 96 13.85 14.95 31.39
CA LEU D 96 14.41 13.82 30.66
C LEU D 96 13.49 12.63 30.62
N VAL D 97 13.28 12.08 29.43
CA VAL D 97 12.66 10.76 29.30
C VAL D 97 13.45 9.86 28.34
N GLY D 98 13.23 8.53 28.46
CA GLY D 98 13.89 7.51 27.67
C GLY D 98 13.05 6.25 27.43
N TRP D 99 12.99 5.78 26.18
CA TRP D 99 12.38 4.47 25.86
C TRP D 99 13.42 3.51 25.34
N GLN D 100 13.16 2.22 25.37
CA GLN D 100 14.07 1.32 24.70
C GLN D 100 14.11 1.72 23.26
N ALA D 101 15.33 1.82 22.77
CA ALA D 101 15.54 2.26 21.43
C ALA D 101 14.88 1.17 20.61
N PRO D 102 14.15 1.55 19.57
CA PRO D 102 13.51 0.54 18.72
C PRO D 102 14.53 -0.07 17.80
N GLN D 103 14.26 -1.26 17.29
CA GLN D 103 15.02 -1.87 16.21
C GLN D 103 15.34 -0.95 15.05
N GLY D 104 16.63 -0.88 14.69
CA GLY D 104 17.07 -0.15 13.51
C GLY D 104 17.81 1.10 13.88
N SER D 105 17.61 1.53 15.11
CA SER D 105 18.29 2.68 15.65
C SER D 105 19.71 2.26 15.92
N ARG D 106 20.63 3.22 15.90
CA ARG D 106 22.01 2.98 16.31
C ARG D 106 22.22 3.94 17.45
N SER D 107 22.91 3.48 18.48
CA SER D 107 23.19 4.37 19.59
C SER D 107 24.47 5.10 19.25
N LEU D 108 24.52 6.34 19.62
CA LEU D 108 25.74 7.08 19.52
C LEU D 108 26.66 6.66 20.63
N THR D 109 27.95 6.78 20.36
CA THR D 109 29.01 6.50 21.31
C THR D 109 29.39 7.80 22.04
N PRO D 110 29.47 7.77 23.38
CA PRO D 110 29.79 8.97 24.20
C PRO D 110 31.17 9.65 23.97
N CYS D 111 31.32 10.96 24.15
CA CYS D 111 32.61 11.59 23.91
C CYS D 111 33.46 11.27 25.08
N THR D 112 34.62 10.74 24.75
CA THR D 112 35.71 10.61 25.68
C THR D 112 36.80 11.45 25.08
N CYS D 113 36.50 12.09 23.97
CA CYS D 113 37.47 12.95 23.35
C CYS D 113 37.81 14.01 24.39
N GLY D 114 36.86 14.30 25.27
CA GLY D 114 37.01 15.36 26.25
C GLY D 114 36.95 16.74 25.61
N SER D 115 36.62 16.81 24.32
CA SER D 115 36.64 18.06 23.57
C SER D 115 35.60 19.08 24.02
N SER D 116 35.95 20.35 23.77
CA SER D 116 35.13 21.50 24.07
C SER D 116 34.62 22.08 22.76
N ASP D 117 35.06 21.51 21.65
CA ASP D 117 34.49 21.86 20.35
C ASP D 117 33.34 20.94 20.00
N LEU D 118 32.13 21.41 20.24
CA LEU D 118 30.96 20.59 20.07
C LEU D 118 30.20 21.05 18.84
N TYR D 119 29.27 20.24 18.40
CA TYR D 119 28.49 20.48 17.20
C TYR D 119 27.05 20.03 17.42
N LEU D 120 26.12 20.97 17.41
CA LEU D 120 24.71 20.65 17.64
C LEU D 120 23.99 20.29 16.33
N VAL D 121 23.18 19.24 16.40
CA VAL D 121 22.42 18.76 15.24
C VAL D 121 20.95 19.13 15.39
N THR D 122 20.48 19.87 14.38
CA THR D 122 19.13 20.40 14.35
C THR D 122 18.22 19.49 13.54
N ARG D 123 16.92 19.78 13.62
CA ARG D 123 15.92 19.03 12.89
C ARG D 123 16.07 19.14 11.35
N HIS D 124 16.90 20.08 10.88
CA HIS D 124 17.21 20.23 9.46
C HIS D 124 18.54 19.58 9.14
N ALA D 125 19.11 18.87 10.10
CA ALA D 125 20.39 18.23 9.92
C ALA D 125 21.47 19.29 9.69
N ASP D 126 21.29 20.45 10.27
CA ASP D 126 22.35 21.45 10.34
C ASP D 126 23.27 21.13 11.50
N VAL D 127 24.51 21.52 11.36
CA VAL D 127 25.50 21.30 12.39
C VAL D 127 25.90 22.67 12.93
N ILE D 128 25.65 22.91 14.21
CA ILE D 128 25.79 24.23 14.80
C ILE D 128 26.98 24.16 15.74
N PRO D 129 28.07 24.87 15.41
CA PRO D 129 29.20 24.81 16.33
C PRO D 129 28.95 25.43 17.70
N VAL D 130 29.32 24.66 18.71
CA VAL D 130 29.21 25.09 20.07
C VAL D 130 30.58 24.96 20.71
N ARG D 131 30.89 25.89 21.60
CA ARG D 131 32.08 25.81 22.42
C ARG D 131 31.58 25.45 23.79
N ARG D 132 32.01 24.32 24.34
CA ARG D 132 31.59 23.95 25.68
C ARG D 132 32.07 24.95 26.76
N ARG D 133 31.14 25.44 27.58
CA ARG D 133 31.43 26.43 28.64
C ARG D 133 31.09 25.78 29.99
N GLY D 134 31.58 24.57 30.17
CA GLY D 134 31.36 23.86 31.40
C GLY D 134 30.62 22.57 31.20
N ASP D 135 29.90 22.20 32.24
CA ASP D 135 29.30 20.88 32.38
CA ASP D 135 29.32 20.87 32.36
C ASP D 135 28.19 20.60 31.36
N SER D 136 27.16 21.42 31.43
CA SER D 136 25.95 21.23 30.66
CA SER D 136 25.96 21.21 30.63
C SER D 136 25.75 22.39 29.69
N ARG D 137 26.79 23.19 29.50
CA ARG D 137 26.68 24.44 28.73
C ARG D 137 27.57 24.51 27.52
N GLY D 138 27.05 25.17 26.50
CA GLY D 138 27.86 25.47 25.32
C GLY D 138 27.57 26.86 24.78
N SER D 139 28.58 27.63 24.38
CA SER D 139 28.27 28.92 23.81
C SER D 139 28.20 28.71 22.29
N LEU D 140 27.20 29.35 21.71
CA LEU D 140 27.00 29.30 20.29
C LEU D 140 27.94 30.28 19.68
N LEU D 141 28.48 29.90 18.53
CA LEU D 141 29.44 30.74 17.83
C LEU D 141 28.72 31.91 17.19
N SER D 142 27.60 31.59 16.54
CA SER D 142 26.67 32.57 16.01
C SER D 142 25.45 32.47 16.89
N PRO D 143 25.07 33.59 17.59
CA PRO D 143 23.83 33.57 18.35
C PRO D 143 22.68 33.40 17.38
N ARG D 144 21.60 32.77 17.83
CA ARG D 144 20.53 32.42 16.92
C ARG D 144 19.19 32.86 17.47
N PRO D 145 18.23 33.14 16.57
CA PRO D 145 16.85 33.36 16.93
C PRO D 145 16.26 32.08 17.50
N ILE D 146 15.46 32.24 18.55
CA ILE D 146 14.80 31.15 19.20
C ILE D 146 14.07 30.25 18.21
N SER D 147 13.41 30.79 17.20
CA SER D 147 12.58 29.92 16.38
C SER D 147 13.39 29.13 15.43
N TYR D 148 14.66 29.49 15.30
CA TYR D 148 15.53 28.73 14.44
C TYR D 148 15.88 27.39 15.07
N LEU D 149 15.94 27.36 16.40
CA LEU D 149 16.35 26.17 17.16
C LEU D 149 15.19 25.38 17.75
N LYS D 150 14.00 25.96 17.70
CA LYS D 150 12.83 25.26 18.20
C LYS D 150 12.59 24.04 17.33
N GLY D 151 12.28 22.93 17.96
CA GLY D 151 12.02 21.70 17.27
C GLY D 151 13.26 20.85 17.23
N SER D 152 14.33 21.34 17.83
CA SER D 152 15.61 20.63 17.80
C SER D 152 15.98 20.12 19.21
N SER D 153 15.04 20.17 20.14
CA SER D 153 15.30 19.65 21.48
C SER D 153 15.28 18.10 21.38
N GLY D 154 16.13 17.46 22.18
CA GLY D 154 16.33 16.02 22.19
C GLY D 154 17.40 15.49 21.25
N GLY D 155 17.94 16.37 20.41
CA GLY D 155 18.96 16.02 19.44
C GLY D 155 20.32 16.21 20.07
N PRO D 156 21.37 15.71 19.40
CA PRO D 156 22.71 15.57 19.97
C PRO D 156 23.66 16.77 19.84
N LEU D 157 24.55 16.90 20.82
CA LEU D 157 25.76 17.70 20.68
C LEU D 157 26.89 16.70 20.56
N LEU D 158 27.67 16.82 19.50
CA LEU D 158 28.69 15.83 19.19
C LEU D 158 30.08 16.44 19.39
N CYS D 159 31.08 15.60 19.53
CA CYS D 159 32.46 16.06 19.52
C CYS D 159 32.96 15.94 18.08
N PRO D 160 34.16 16.46 17.82
CA PRO D 160 34.72 16.40 16.47
C PRO D 160 34.83 14.96 15.95
N ALA D 161 34.93 13.99 16.86
CA ALA D 161 35.05 12.59 16.48
C ALA D 161 33.67 12.03 16.13
N GLY D 162 32.63 12.81 16.43
CA GLY D 162 31.27 12.42 16.16
C GLY D 162 30.63 11.67 17.32
N HIS D 163 31.29 11.72 18.47
CA HIS D 163 30.75 11.11 19.67
C HIS D 163 29.78 12.05 20.39
N ALA D 164 28.89 11.45 21.18
CA ALA D 164 27.90 12.22 21.90
C ALA D 164 28.49 12.80 23.17
N VAL D 165 28.25 14.09 23.35
CA VAL D 165 28.68 14.83 24.53
C VAL D 165 27.44 15.15 25.36
N GLY D 166 26.29 15.18 24.69
CA GLY D 166 25.04 15.41 25.37
C GLY D 166 23.81 15.54 24.49
N ILE D 167 22.70 15.87 25.13
CA ILE D 167 21.41 16.01 24.47
C ILE D 167 20.86 17.42 24.68
N PHE D 168 20.54 18.10 23.57
CA PHE D 168 20.01 19.48 23.59
C PHE D 168 18.71 19.56 24.38
N ARG D 169 18.67 20.46 25.38
CA ARG D 169 17.51 20.63 26.27
C ARG D 169 16.85 22.01 26.20
N THR D 170 17.67 23.01 26.44
CA THR D 170 17.19 24.36 26.68
C THR D 170 18.07 25.41 25.97
N ALA D 171 17.48 26.52 25.52
CA ALA D 171 18.27 27.60 24.93
C ALA D 171 18.44 28.83 25.86
N VAL D 172 19.67 29.36 25.93
CA VAL D 172 20.03 30.48 26.83
C VAL D 172 19.87 31.88 26.19
N SER D 173 18.73 32.49 26.47
CA SER D 173 18.21 33.58 25.69
C SER D 173 18.23 34.94 26.37
N THR D 174 18.74 35.91 25.63
CA THR D 174 18.64 37.28 26.07
C THR D 174 17.92 38.02 24.99
N ARG D 175 16.85 38.69 25.38
CA ARG D 175 16.01 39.48 24.47
C ARG D 175 15.71 38.67 23.21
N GLY D 176 15.28 37.42 23.39
CA GLY D 176 14.90 36.58 22.27
C GLY D 176 16.01 35.93 21.45
N VAL D 177 17.23 36.13 21.90
CA VAL D 177 18.39 35.62 21.21
C VAL D 177 19.16 34.63 22.04
N ALA D 178 19.35 33.45 21.49
CA ALA D 178 20.12 32.43 22.14
C ALA D 178 21.60 32.62 21.82
N LYS D 179 22.38 32.93 22.84
CA LYS D 179 23.82 33.10 22.73
C LYS D 179 24.58 31.80 23.13
N ALA D 180 23.85 30.87 23.76
CA ALA D 180 24.38 29.60 24.30
C ALA D 180 23.27 28.53 24.50
N VAL D 181 23.68 27.30 24.77
CA VAL D 181 22.78 26.14 24.96
C VAL D 181 23.00 25.36 26.28
N ASP D 182 21.90 24.81 26.82
CA ASP D 182 21.91 23.90 27.97
C ASP D 182 21.55 22.52 27.46
N PHE D 183 22.36 21.55 27.88
CA PHE D 183 22.21 20.20 27.41
C PHE D 183 22.36 19.28 28.61
N ILE D 184 21.71 18.14 28.47
CA ILE D 184 21.83 17.04 29.39
C ILE D 184 23.07 16.25 28.94
N PRO D 185 24.13 16.22 29.78
CA PRO D 185 25.36 15.52 29.37
C PRO D 185 25.16 14.00 29.45
N VAL D 186 25.93 13.22 28.68
CA VAL D 186 25.84 11.76 28.71
C VAL D 186 26.10 11.14 30.13
N GLU D 187 26.97 11.77 30.89
CA GLU D 187 27.26 11.33 32.24
C GLU D 187 26.00 11.24 33.10
N SER D 188 25.11 12.21 32.91
CA SER D 188 23.86 12.29 33.66
C SER D 188 22.84 11.23 33.25
N LEU D 189 22.92 10.81 31.99
CA LEU D 189 22.16 9.68 31.47
C LEU D 189 22.69 8.42 32.11
N GLU D 190 24.01 8.33 32.22
CA GLU D 190 24.62 7.17 32.88
C GLU D 190 24.10 7.12 34.29
N THR D 191 24.15 8.25 34.98
CA THR D 191 23.59 8.34 36.33
C THR D 191 22.12 8.00 36.41
N THR D 192 21.33 8.48 35.47
CA THR D 192 19.92 8.16 35.44
C THR D 192 19.67 6.67 35.27
N MET D 193 20.49 6.04 34.44
CA MET D 193 20.47 4.61 34.25
C MET D 193 20.86 3.87 35.55
N ARG D 194 21.62 4.57 36.39
CA ARG D 194 22.03 4.14 37.73
C ARG D 194 23.28 3.32 37.69
ZN ZN E . -18.98 15.78 8.44
C14 5RS F . -17.10 -9.50 2.60
C11 5RS F . -19.85 -11.28 0.96
C10 5RS F . -20.58 -10.50 2.04
C12 5RS F . -18.44 -11.35 1.50
C01 5RS F . -17.02 -8.86 8.05
C02 5RS F . -18.27 -8.05 7.78
C03 5RS F . -18.46 -7.56 6.35
C04 5RS F . -19.25 -6.30 6.17
C05 5RS F . -19.88 -7.62 5.78
N06 5RS F . -19.84 -8.07 4.37
C07 5RS F . -19.60 -9.33 3.99
O08 5RS F . -19.39 -10.26 4.76
C09 5RS F . -19.55 -9.52 2.60
N13 5RS F . -18.24 -10.10 2.24
O15 5RS F . -17.07 -8.46 3.22
C16 5RS F . -15.82 -10.19 2.18
N17 5RS F . -14.91 -9.13 1.74
C18 5RS F . -14.76 -8.79 0.48
O19 5RS F . -15.41 -9.37 -0.37
O20 5RS F . -13.91 -7.80 0.16
C21 5RS F . -13.62 -7.52 -1.21
C22 5RS F . -13.01 -8.73 -1.92
C23 5RS F . -12.59 -6.40 -1.24
C24 5RS F . -14.86 -7.06 -1.95
C25 5RS F . -15.17 -11.04 3.31
C26 5RS F . -15.04 -10.23 4.60
C27 5RS F . -16.01 -12.29 3.59
C28 5RS F . -13.79 -11.48 2.86
O29 5RS F . -19.79 -10.62 -0.31
C30 5RS F . -20.85 -10.59 -1.14
C31 5RS F . -20.87 -9.56 -2.06
C32 5RS F . -19.85 -8.62 -2.11
C33 5RS F . -19.01 -8.75 -3.36
N34 5RS F . -21.88 -9.46 -2.90
C35 5RS F . -22.88 -10.34 -2.87
C36 5RS F . -23.94 -10.23 -3.76
C37 5RS F . -24.96 -11.14 -3.71
C38 5RS F . -24.95 -12.18 -2.79
C39 5RS F . -23.87 -12.30 -1.92
C40 5RS F . -22.85 -11.38 -1.95
N41 5RS F . -21.83 -11.48 -1.10
O42 5RS F . -25.97 -13.07 -2.79
C43 5RS F . -26.35 -13.64 -1.55
C44 5RS F . -21.00 -8.18 6.67
O45 5RS F . -20.98 -7.98 7.87
N46 5RS F . -21.97 -8.86 6.05
S47 5RS F . -23.10 -9.48 6.86
O48 5RS F . -22.51 -10.59 7.67
O49 5RS F . -23.76 -8.54 7.81
C50 5RS F . -24.41 -10.30 5.67
C51 5RS F . -25.72 -10.63 6.35
C52 5RS F . -25.63 -9.50 5.35
ZN ZN G . 33.05 22.76 -15.86
C14 5RS H . 31.91 -2.93 -19.86
C11 5RS H . 28.67 -3.75 -21.35
C10 5RS H . 28.28 -3.06 -20.08
C12 5RS H . 30.03 -4.24 -20.95
C01 5RS H . 32.41 -2.66 -14.47
C02 5RS H . 31.55 -1.41 -14.53
C03 5RS H . 31.25 -0.91 -15.94
C04 5RS H . 30.65 0.46 -16.03
C05 5RS H . 29.76 -0.73 -16.34
N06 5RS H . 29.52 -1.00 -17.75
C07 5RS H . 29.67 -2.22 -18.28
O08 5RS H . 29.98 -3.19 -17.61
C09 5RS H . 29.50 -2.30 -19.67
N13 5RS H . 30.60 -3.14 -20.14
O15 5RS H . 32.30 -2.00 -19.18
C16 5RS H . 32.88 -3.98 -20.41
N17 5RS H . 34.15 -3.38 -20.81
C18 5RS H . 34.85 -3.84 -21.83
O19 5RS H . 34.41 -4.75 -22.50
O20 5RS H . 36.02 -3.26 -22.14
C21 5RS H . 36.94 -3.96 -22.97
C22 5RS H . 36.35 -4.16 -24.35
C23 5RS H . 37.26 -5.32 -22.35
C24 5RS H . 38.22 -3.15 -23.08
C25 5RS H . 33.15 -5.01 -19.27
C26 5RS H . 33.62 -4.32 -18.01
C27 5RS H . 31.86 -5.78 -18.98
C28 5RS H . 34.25 -5.98 -19.66
O29 5RS H . 28.79 -2.83 -22.48
C30 5RS H . 27.76 -2.59 -23.31
C31 5RS H . 27.92 -1.53 -24.21
C32 5RS H . 29.10 -0.78 -24.20
C33 5RS H . 29.15 0.34 -25.26
N34 5RS H . 26.92 -1.22 -25.08
C35 5RS H . 25.82 -1.94 -25.06
C36 5RS H . 24.81 -1.64 -25.95
C37 5RS H . 23.64 -2.38 -25.95
C38 5RS H . 23.48 -3.43 -25.06
C39 5RS H . 24.50 -3.73 -24.17
C40 5RS H . 25.66 -2.99 -24.16
N41 5RS H . 26.64 -3.30 -23.30
O42 5RS H . 22.31 -4.11 -25.13
C43 5RS H . 21.97 -5.01 -24.08
C44 5RS H . 28.69 -1.08 -15.30
O45 5RS H . 28.84 -0.71 -14.15
N46 5RS H . 27.64 -1.81 -15.70
S47 5RS H . 26.53 -2.19 -14.63
O48 5RS H . 27.08 -3.20 -13.67
O49 5RS H . 26.10 -0.97 -13.87
C50 5RS H . 25.01 -3.01 -15.50
C51 5RS H . 23.80 -3.13 -14.61
C52 5RS H . 23.85 -2.09 -15.70
CL CL I . 44.77 8.94 -25.48
ZN ZN J . 3.50 -21.11 -9.03
C14 5RS K . -18.98 -8.85 -7.72
C11 5RS K . -21.63 -11.10 -6.65
C10 5RS K . -21.21 -11.72 -7.94
C12 5RS K . -21.19 -9.67 -6.88
C01 5RS K . -17.43 -8.15 -12.81
C02 5RS K . -16.97 -9.60 -12.74
C03 5RS K . -17.02 -10.23 -11.35
C04 5RS K . -16.27 -11.52 -11.19
C05 5RS K . -17.78 -11.54 -11.19
N06 5RS K . -18.37 -11.62 -9.86
C07 5RS K . -19.51 -11.05 -9.50
O08 5RS K . -20.23 -10.44 -10.28
C09 5RS K . -19.83 -11.17 -8.14
N13 5RS K . -19.91 -9.80 -7.60
O15 5RS K . -17.93 -8.99 -8.32
C16 5RS K . -19.34 -7.50 -7.12
N17 5RS K . -18.22 -6.78 -6.50
C18 5RS K . -18.40 -6.04 -5.41
O19 5RS K . -19.51 -5.97 -4.90
O20 5RS K . -17.36 -5.34 -4.87
C21 5RS K . -17.65 -4.21 -4.05
C22 5RS K . -16.35 -3.47 -3.81
C23 5RS K . -18.22 -4.65 -2.71
C24 5RS K . -18.64 -3.27 -4.75
C25 5RS K . -19.97 -6.62 -8.25
C26 5RS K . -19.06 -6.56 -9.47
C27 5RS K . -21.32 -7.18 -8.68
C28 5RS K . -20.14 -5.18 -7.75
O29 5RS K . -20.88 -11.65 -5.53
C30 5RS K . -21.36 -12.72 -4.87
C31 5RS K . -20.46 -13.31 -3.98
C32 5RS K . -19.17 -12.82 -3.81
C33 5RS K . -18.65 -13.05 -2.40
N34 5RS K . -20.85 -14.38 -3.27
C35 5RS K . -22.07 -14.88 -3.43
C36 5RS K . -22.41 -15.98 -2.70
C37 5RS K . -23.67 -16.52 -2.84
C38 5RS K . -24.59 -15.98 -3.71
C39 5RS K . -24.24 -14.86 -4.45
C40 5RS K . -22.96 -14.30 -4.32
N41 5RS K . -22.58 -13.24 -5.03
O42 5RS K . -25.81 -16.59 -3.74
C43 5RS K . -26.61 -16.39 -4.89
C44 5RS K . -18.50 -12.12 -12.45
O45 5RS K . -17.98 -11.97 -13.54
N46 5RS K . -19.68 -12.78 -12.27
S47 5RS K . -20.43 -13.37 -13.51
O48 5RS K . -21.05 -12.28 -14.30
O49 5RS K . -19.45 -14.05 -14.41
C50 5RS K . -21.80 -14.67 -13.06
C51 5RS K . -23.22 -14.31 -13.39
C52 5RS K . -22.45 -15.24 -14.28
ZN ZN L . 34.97 12.67 21.93
C14 5RS M . 13.57 26.84 26.33
C11 5RS M . 10.45 25.40 27.47
C10 5RS M . 10.77 24.48 26.34
C12 5RS M . 11.18 26.66 27.04
C01 5RS M . 14.88 27.05 21.14
C02 5RS M . 14.99 25.55 21.26
C03 5RS M . 15.03 25.02 22.68
C04 5RS M . 15.58 23.62 22.86
C05 5RS M . 14.10 23.85 23.01
N06 5RS M . 13.55 24.03 24.34
C07 5RS M . 12.48 24.76 24.63
O08 5RS M . 11.80 25.35 23.80
C09 5RS M . 12.21 24.80 26.01
N13 5RS M . 12.42 26.18 26.47
O15 5RS M . 14.58 26.36 25.84
C16 5RS M . 13.59 28.27 26.85
N17 5RS M . 14.88 28.46 27.53
C18 5RS M . 15.02 28.40 28.83
O19 5RS M . 14.03 28.20 29.52
O20 5RS M . 16.26 28.56 29.36
C21 5RS M . 16.50 28.56 30.78
C22 5RS M . 16.17 27.20 31.40
C23 5RS M . 15.70 29.64 31.48
C24 5RS M . 17.98 28.85 31.01
C25 5RS M . 13.34 29.33 25.73
C26 5RS M . 14.27 29.15 24.53
C27 5RS M . 11.90 29.24 25.25
C28 5RS M . 13.55 30.73 26.31
O29 5RS M . 11.01 24.95 28.70
C30 5RS M . 10.37 23.98 29.41
C31 5RS M . 11.12 23.33 30.39
C32 5RS M . 12.46 23.68 30.59
C33 5RS M . 12.63 24.49 31.88
N34 5RS M . 10.55 22.36 31.11
C35 5RS M . 9.28 22.02 30.90
C36 5RS M . 8.69 21.02 31.65
C37 5RS M . 7.37 20.68 31.43
C38 5RS M . 6.65 21.32 30.45
C39 5RS M . 7.25 22.33 29.71
C40 5RS M . 8.56 22.68 29.93
N41 5RS M . 9.11 23.64 29.20
O42 5RS M . 5.35 20.97 30.26
C43 5RS M . 4.81 21.10 28.94
C44 5RS M . 13.14 23.27 21.94
O45 5RS M . 13.47 23.26 20.77
N46 5RS M . 11.97 22.80 22.37
S47 5RS M . 10.96 22.22 21.36
O48 5RS M . 10.46 23.35 20.49
O49 5RS M . 11.54 21.19 20.45
C50 5RS M . 9.40 21.48 22.26
C51 5RS M . 8.51 20.66 21.37
C52 5RS M . 9.37 19.98 22.40
#